data_4ZXQ
#
_entry.id   4ZXQ
#
_cell.length_a   58.952
_cell.length_b   94.095
_cell.length_c   97.619
_cell.angle_alpha   90.00
_cell.angle_beta   90.00
_cell.angle_gamma   90.00
#
_symmetry.space_group_name_H-M   'P 1 21 1'
#
loop_
_entity.id
_entity.type
_entity.pdbx_description
1 polymer 'Tail needle protein gp26'
2 non-polymer 'CALCIUM ION'
3 non-polymer 'CHLORIDE ION'
4 water water
#
_entity_poly.entity_id   1
_entity_poly.type   'polypeptide(L)'
_entity_poly.pdbx_seq_one_letter_code
;GPGSMADPSLNNPVVIQATRLDASILPRNVFSKSYLLYVIAQGTDVGAIAGKANEAGQGAYDAQVKNDEQDVELADHEAR
IKQLRIDVDDHESRITANTKAITALNVRVTTAEGEIASLQTNVSALDGRVTTAENNISALQADY
;
_entity_poly.pdbx_strand_id   A,B,C,D,E,F
#
loop_
_chem_comp.id
_chem_comp.type
_chem_comp.name
_chem_comp.formula
CA non-polymer 'CALCIUM ION' 'Ca 2'
CL non-polymer 'CHLORIDE ION' 'Cl -1'
#
# COMPACT_ATOMS: atom_id res chain seq x y z
N MET A 5 23.78 -5.52 -24.50
CA MET A 5 23.66 -4.07 -24.47
C MET A 5 23.00 -3.57 -25.75
N ALA A 6 22.34 -2.40 -25.65
CA ALA A 6 21.52 -1.86 -26.74
C ALA A 6 22.29 -1.76 -28.06
N ASP A 7 21.61 -2.14 -29.13
CA ASP A 7 22.21 -2.19 -30.46
C ASP A 7 21.94 -0.91 -31.23
N PRO A 8 22.98 -0.10 -31.48
CA PRO A 8 22.88 1.21 -32.12
C PRO A 8 22.47 1.17 -33.60
N SER A 9 22.57 0.00 -34.24
CA SER A 9 22.19 -0.11 -35.64
C SER A 9 20.70 0.17 -35.85
N LEU A 10 19.91 0.00 -34.79
CA LEU A 10 18.49 0.30 -34.81
C LEU A 10 18.23 1.81 -34.85
N ASN A 11 19.27 2.59 -34.60
CA ASN A 11 19.17 4.04 -34.61
C ASN A 11 19.53 4.63 -35.98
N ASN A 12 19.85 3.76 -36.92
CA ASN A 12 20.12 4.19 -38.29
C ASN A 12 18.93 3.94 -39.22
N PRO A 13 18.24 5.02 -39.61
CA PRO A 13 17.05 4.93 -40.47
C PRO A 13 17.42 4.65 -41.92
N VAL A 14 16.55 3.95 -42.65
CA VAL A 14 16.74 3.79 -44.08
C VAL A 14 16.26 5.02 -44.84
N VAL A 15 17.15 5.56 -45.66
CA VAL A 15 16.85 6.71 -46.51
C VAL A 15 16.46 6.15 -47.87
N ILE A 16 15.37 6.65 -48.44
CA ILE A 16 14.84 6.06 -49.67
C ILE A 16 15.65 6.55 -50.86
N GLN A 17 16.34 5.62 -51.49
CA GLN A 17 17.23 5.92 -52.61
C GLN A 17 16.44 6.17 -53.88
N ALA A 18 15.16 5.82 -53.85
CA ALA A 18 14.29 6.10 -54.98
C ALA A 18 13.78 7.53 -54.90
N THR A 19 13.33 8.03 -56.05
CA THR A 19 12.76 9.36 -56.15
C THR A 19 11.27 9.19 -56.34
N ARG A 20 10.48 10.02 -55.66
CA ARG A 20 9.04 9.90 -55.73
C ARG A 20 8.64 9.96 -57.19
N LEU A 21 7.94 8.92 -57.62
CA LEU A 21 7.56 8.73 -59.02
C LEU A 21 6.94 9.96 -59.64
N ASP A 22 7.34 10.25 -60.88
CA ASP A 22 6.65 11.24 -61.65
C ASP A 22 5.79 10.40 -62.59
N ALA A 23 4.58 10.86 -62.85
CA ALA A 23 3.67 10.07 -63.67
C ALA A 23 3.80 10.41 -65.15
N SER A 24 4.84 11.16 -65.49
CA SER A 24 5.17 11.45 -66.88
C SER A 24 6.09 10.38 -67.48
N ILE A 25 6.98 9.85 -66.65
CA ILE A 25 8.03 8.91 -67.06
C ILE A 25 7.65 7.43 -67.24
N LEU A 26 6.47 7.03 -66.77
CA LEU A 26 6.03 5.64 -66.87
C LEU A 26 5.73 5.37 -68.34
N PRO A 27 5.94 4.12 -68.79
CA PRO A 27 5.70 3.78 -70.18
C PRO A 27 4.23 3.99 -70.58
N ARG A 28 4.02 4.77 -71.64
CA ARG A 28 2.68 5.08 -72.14
C ARG A 28 1.83 3.92 -72.65
N ASN A 29 2.20 3.36 -73.80
CA ASN A 29 1.34 2.40 -74.51
C ASN A 29 1.55 0.94 -74.10
N VAL A 30 2.53 0.71 -73.23
CA VAL A 30 2.86 -0.65 -72.80
C VAL A 30 2.02 -1.14 -71.60
N PHE A 31 1.66 -0.22 -70.72
CA PHE A 31 0.97 -0.56 -69.47
C PHE A 31 -0.54 -0.37 -69.59
N SER A 32 -1.29 -1.22 -68.88
CA SER A 32 -2.68 -0.91 -68.58
C SER A 32 -2.79 0.28 -67.63
N LYS A 33 -4.02 0.70 -67.37
CA LYS A 33 -4.29 1.81 -66.45
C LYS A 33 -4.15 1.33 -65.00
N SER A 34 -4.84 0.24 -64.70
CA SER A 34 -4.87 -0.34 -63.37
C SER A 34 -3.45 -0.62 -62.86
N TYR A 35 -2.59 -1.09 -63.77
CA TYR A 35 -1.22 -1.39 -63.42
C TYR A 35 -0.43 -0.11 -63.16
N LEU A 36 -0.78 0.96 -63.86
CA LEU A 36 -0.13 2.25 -63.65
C LEU A 36 -0.43 2.70 -62.23
N LEU A 37 -1.71 2.64 -61.87
CA LEU A 37 -2.14 3.01 -60.53
C LEU A 37 -1.47 2.10 -59.50
N TYR A 38 -1.24 0.85 -59.89
CA TYR A 38 -0.55 -0.12 -59.04
C TYR A 38 0.90 0.27 -58.77
N VAL A 39 1.61 0.71 -59.82
CA VAL A 39 3.00 1.10 -59.66
C VAL A 39 3.13 2.35 -58.80
N ILE A 40 2.27 3.34 -59.05
CA ILE A 40 2.29 4.57 -58.24
C ILE A 40 2.01 4.26 -56.76
N ALA A 41 0.90 3.56 -56.53
CA ALA A 41 0.49 3.19 -55.19
C ALA A 41 1.57 2.39 -54.48
N GLN A 42 2.22 1.48 -55.22
CA GLN A 42 3.31 0.69 -54.65
C GLN A 42 4.49 1.55 -54.27
N GLY A 43 4.78 2.56 -55.07
CA GLY A 43 5.84 3.49 -54.71
C GLY A 43 5.56 4.19 -53.39
N THR A 44 4.40 4.84 -53.32
CA THR A 44 4.00 5.54 -52.08
C THR A 44 4.00 4.62 -50.87
N ASP A 45 3.49 3.40 -51.06
CA ASP A 45 3.39 2.44 -49.98
C ASP A 45 4.77 1.97 -49.52
N VAL A 46 5.70 1.81 -50.46
CA VAL A 46 7.08 1.47 -50.10
C VAL A 46 7.66 2.57 -49.23
N GLY A 47 7.40 3.82 -49.60
CA GLY A 47 7.83 4.92 -48.74
C GLY A 47 7.27 4.82 -47.33
N ALA A 48 5.95 4.59 -47.24
CA ALA A 48 5.29 4.50 -45.94
C ALA A 48 5.81 3.36 -45.06
N ILE A 49 5.98 2.18 -45.65
CA ILE A 49 6.48 1.02 -44.91
C ILE A 49 7.92 1.26 -44.49
N ALA A 50 8.66 2.00 -45.30
CA ALA A 50 10.00 2.42 -44.92
C ALA A 50 9.94 3.22 -43.63
N GLY A 51 9.05 4.20 -43.59
CA GLY A 51 8.86 5.01 -42.41
C GLY A 51 8.53 4.17 -41.17
N LYS A 52 7.60 3.23 -41.36
CA LYS A 52 7.17 2.38 -40.25
C LYS A 52 8.29 1.49 -39.74
N ALA A 53 9.10 0.97 -40.65
CA ALA A 53 10.24 0.13 -40.29
C ALA A 53 11.24 0.94 -39.47
N ASN A 54 11.48 2.18 -39.90
CA ASN A 54 12.38 3.05 -39.17
C ASN A 54 11.89 3.35 -37.74
N GLU A 55 10.62 3.73 -37.62
CA GLU A 55 10.05 4.03 -36.32
C GLU A 55 10.09 2.80 -35.41
N ALA A 56 9.81 1.63 -35.99
CA ALA A 56 9.86 0.38 -35.24
C ALA A 56 11.26 0.13 -34.72
N GLY A 57 12.25 0.39 -35.57
CA GLY A 57 13.64 0.27 -35.18
C GLY A 57 13.93 1.13 -33.97
N GLN A 58 13.45 2.36 -34.00
CA GLN A 58 13.66 3.30 -32.90
C GLN A 58 12.96 2.87 -31.61
N GLY A 59 11.78 2.28 -31.74
CA GLY A 59 11.05 1.76 -30.59
C GLY A 59 11.76 0.59 -29.93
N ALA A 60 12.19 -0.37 -30.74
CA ALA A 60 12.91 -1.52 -30.22
C ALA A 60 14.23 -1.08 -29.57
N TYR A 61 14.91 -0.13 -30.20
CA TYR A 61 16.16 0.40 -29.66
C TYR A 61 15.96 0.98 -28.27
N ASP A 62 14.96 1.84 -28.13
CA ASP A 62 14.63 2.45 -26.84
C ASP A 62 14.24 1.38 -25.79
N ALA A 63 13.55 0.34 -26.23
CA ALA A 63 13.24 -0.78 -25.35
C ALA A 63 14.53 -1.38 -24.81
N GLN A 64 15.52 -1.50 -25.70
CA GLN A 64 16.80 -2.05 -25.31
C GLN A 64 17.60 -1.15 -24.35
N VAL A 65 17.63 0.15 -24.58
CA VAL A 65 18.36 1.03 -23.68
C VAL A 65 17.70 0.94 -22.29
N LYS A 66 16.38 0.90 -22.27
CA LYS A 66 15.66 0.77 -20.99
C LYS A 66 16.02 -0.54 -20.30
N ASN A 67 16.11 -1.62 -21.07
CA ASN A 67 16.51 -2.91 -20.52
C ASN A 67 17.91 -2.88 -19.93
N ASP A 68 18.82 -2.17 -20.58
CA ASP A 68 20.19 -2.06 -20.09
C ASP A 68 20.26 -1.32 -18.76
N GLU A 69 19.66 -0.13 -18.70
CA GLU A 69 19.68 0.62 -17.44
C GLU A 69 18.99 -0.17 -16.32
N GLN A 70 17.89 -0.84 -16.66
CA GLN A 70 17.18 -1.67 -15.68
C GLN A 70 18.03 -2.86 -15.23
N ASP A 71 18.94 -3.30 -16.09
CA ASP A 71 19.85 -4.38 -15.74
C ASP A 71 20.85 -3.88 -14.71
N VAL A 72 21.33 -2.66 -14.91
CA VAL A 72 22.23 -2.06 -13.92
C VAL A 72 21.53 -1.92 -12.57
N GLU A 73 20.29 -1.42 -12.60
CA GLU A 73 19.52 -1.24 -11.36
C GLU A 73 19.24 -2.57 -10.66
N LEU A 74 19.00 -3.60 -11.45
CA LEU A 74 18.73 -4.93 -10.91
C LEU A 74 19.98 -5.51 -10.24
N ALA A 75 21.14 -5.35 -10.88
CA ALA A 75 22.38 -5.81 -10.28
C ALA A 75 22.67 -5.08 -8.97
N ASP A 76 22.46 -3.76 -8.98
CA ASP A 76 22.63 -2.96 -7.77
C ASP A 76 21.74 -3.47 -6.64
N HIS A 77 20.46 -3.68 -6.94
CA HIS A 77 19.52 -4.19 -5.94
C HIS A 77 19.95 -5.55 -5.40
N GLU A 78 20.40 -6.42 -6.30
CA GLU A 78 20.85 -7.76 -5.92
C GLU A 78 21.98 -7.65 -4.90
N ALA A 79 23.00 -6.85 -5.24
CA ALA A 79 24.15 -6.64 -4.36
C ALA A 79 23.72 -6.11 -2.99
N ARG A 80 22.85 -5.10 -3.01
CA ARG A 80 22.35 -4.50 -1.76
C ARG A 80 21.70 -5.55 -0.89
N ILE A 81 20.89 -6.40 -1.52
CA ILE A 81 20.18 -7.47 -0.85
C ILE A 81 21.17 -8.42 -0.19
N LYS A 82 22.22 -8.78 -0.93
CA LYS A 82 23.23 -9.70 -0.43
C LYS A 82 23.99 -9.15 0.79
N GLN A 83 24.34 -7.87 0.73
CA GLN A 83 25.02 -7.20 1.84
C GLN A 83 24.12 -7.22 3.06
N LEU A 84 22.85 -6.92 2.80
CA LEU A 84 21.82 -6.91 3.83
C LEU A 84 21.61 -8.28 4.45
N ARG A 85 21.78 -9.35 3.66
CA ARG A 85 21.72 -10.71 4.19
C ARG A 85 22.86 -10.96 5.13
N ILE A 86 24.08 -10.57 4.73
CA ILE A 86 25.23 -10.77 5.61
C ILE A 86 25.01 -10.07 6.94
N ASP A 87 24.55 -8.82 6.86
CA ASP A 87 24.29 -8.03 8.06
C ASP A 87 23.20 -8.64 8.95
N VAL A 88 22.11 -9.10 8.32
CA VAL A 88 20.99 -9.68 9.07
C VAL A 88 21.38 -10.98 9.78
N ASP A 89 22.14 -11.83 9.10
CA ASP A 89 22.60 -13.07 9.73
C ASP A 89 23.56 -12.81 10.89
N ASP A 90 24.50 -11.88 10.68
CA ASP A 90 25.41 -11.49 11.75
C ASP A 90 24.60 -11.01 12.95
N HIS A 91 23.60 -10.19 12.66
CA HIS A 91 22.68 -9.67 13.67
C HIS A 91 21.97 -10.80 14.41
N GLU A 92 21.56 -11.84 13.68
CA GLU A 92 20.95 -13.02 14.28
C GLU A 92 21.87 -13.63 15.32
N SER A 93 23.11 -13.87 14.91
CA SER A 93 24.12 -14.43 15.82
C SER A 93 24.28 -13.59 17.09
N ARG A 94 24.49 -12.30 16.90
CA ARG A 94 24.77 -11.41 18.03
C ARG A 94 23.56 -11.25 18.96
N ILE A 95 22.36 -11.27 18.38
CA ILE A 95 21.12 -11.24 19.16
C ILE A 95 20.99 -12.48 20.02
N THR A 96 21.20 -13.65 19.42
CA THR A 96 21.13 -14.91 20.17
C THR A 96 22.12 -14.88 21.34
N ALA A 97 23.35 -14.47 21.03
CA ALA A 97 24.39 -14.36 22.04
C ALA A 97 23.96 -13.43 23.18
N ASN A 98 23.35 -12.31 22.84
CA ASN A 98 22.92 -11.34 23.84
C ASN A 98 21.79 -11.87 24.72
N THR A 99 20.86 -12.62 24.12
CA THR A 99 19.77 -13.20 24.88
C THR A 99 20.29 -14.22 25.89
N LYS A 100 21.18 -15.10 25.42
CA LYS A 100 21.75 -16.11 26.30
C LYS A 100 22.56 -15.47 27.42
N ALA A 101 23.29 -14.41 27.08
CA ALA A 101 24.07 -13.67 28.07
C ALA A 101 23.18 -13.04 29.13
N ILE A 102 22.03 -12.52 28.69
CA ILE A 102 21.08 -11.91 29.62
C ILE A 102 20.51 -12.96 30.58
N THR A 103 20.14 -14.12 30.04
CA THR A 103 19.62 -15.20 30.89
C THR A 103 20.66 -15.68 31.92
N ALA A 104 21.88 -15.94 31.45
CA ALA A 104 22.96 -16.39 32.34
C ALA A 104 23.24 -15.35 33.43
N LEU A 105 23.29 -14.09 33.03
CA LEU A 105 23.52 -13.01 33.97
C LEU A 105 22.39 -12.98 35.00
N ASN A 106 21.18 -13.31 34.54
CA ASN A 106 20.02 -13.34 35.41
C ASN A 106 20.15 -14.43 36.48
N VAL A 107 20.61 -15.62 36.08
CA VAL A 107 20.79 -16.67 37.07
C VAL A 107 21.90 -16.26 38.06
N ARG A 108 22.92 -15.56 37.56
CA ARG A 108 23.99 -15.10 38.44
C ARG A 108 23.50 -14.09 39.49
N VAL A 109 22.74 -13.10 39.05
CA VAL A 109 22.21 -12.10 39.99
C VAL A 109 21.23 -12.76 40.95
N THR A 110 20.50 -13.77 40.48
CA THR A 110 19.59 -14.52 41.33
C THR A 110 20.36 -15.18 42.47
N THR A 111 21.48 -15.81 42.13
CA THR A 111 22.33 -16.45 43.13
C THR A 111 22.89 -15.40 44.10
N ALA A 112 23.25 -14.24 43.56
CA ALA A 112 23.77 -13.15 44.37
C ALA A 112 22.76 -12.68 45.41
N GLU A 113 21.51 -12.52 45.00
CA GLU A 113 20.45 -12.10 45.91
C GLU A 113 20.20 -13.18 46.97
N GLY A 114 20.28 -14.44 46.53
CA GLY A 114 20.13 -15.57 47.43
C GLY A 114 21.17 -15.53 48.54
N GLU A 115 22.40 -15.18 48.18
CA GLU A 115 23.46 -15.07 49.18
C GLU A 115 23.28 -13.84 50.07
N ILE A 116 22.78 -12.75 49.48
CA ILE A 116 22.54 -11.51 50.20
C ILE A 116 21.50 -11.67 51.31
N ALA A 117 20.41 -12.39 51.04
CA ALA A 117 19.39 -12.59 52.06
C ALA A 117 19.92 -13.32 53.29
N SER A 118 20.61 -14.43 53.05
CA SER A 118 21.21 -15.21 54.12
C SER A 118 22.23 -14.38 54.89
N LEU A 119 23.00 -13.56 54.18
CA LEU A 119 23.96 -12.68 54.83
C LEU A 119 23.26 -11.67 55.74
N GLN A 120 22.10 -11.19 55.30
CA GLN A 120 21.31 -10.24 56.08
C GLN A 120 20.83 -10.90 57.38
N THR A 121 20.30 -12.12 57.24
CA THR A 121 19.83 -12.86 58.40
C THR A 121 20.96 -13.10 59.39
N ASN A 122 22.10 -13.52 58.88
CA ASN A 122 23.27 -13.79 59.72
C ASN A 122 23.75 -12.54 60.44
N VAL A 123 23.74 -11.39 59.76
CA VAL A 123 24.20 -10.15 60.36
C VAL A 123 23.21 -9.72 61.46
N SER A 124 21.94 -10.01 61.25
CA SER A 124 20.93 -9.70 62.26
C SER A 124 21.12 -10.55 63.51
N ALA A 125 21.31 -11.86 63.30
CA ALA A 125 21.55 -12.79 64.40
C ALA A 125 22.79 -12.40 65.21
N LEU A 126 23.89 -12.11 64.51
CA LEU A 126 25.11 -11.66 65.18
C LEU A 126 24.86 -10.36 65.94
N ASP A 127 24.02 -9.50 65.38
CA ASP A 127 23.70 -8.25 66.07
C ASP A 127 23.02 -8.53 67.41
N GLY A 128 22.02 -9.41 67.39
CA GLY A 128 21.32 -9.77 68.61
C GLY A 128 22.23 -10.40 69.66
N ARG A 129 23.01 -11.39 69.23
CA ARG A 129 23.93 -12.07 70.14
C ARG A 129 24.95 -11.10 70.73
N VAL A 130 25.38 -10.15 69.90
CA VAL A 130 26.35 -9.14 70.33
C VAL A 130 25.71 -8.23 71.37
N THR A 131 24.43 -7.91 71.18
CA THR A 131 23.72 -7.09 72.15
C THR A 131 23.62 -7.81 73.50
N THR A 132 23.25 -9.08 73.48
CA THR A 132 23.19 -9.86 74.72
C THR A 132 24.56 -9.93 75.41
N ALA A 133 25.60 -10.15 74.62
CA ALA A 133 26.97 -10.21 75.14
C ALA A 133 27.38 -8.89 75.80
N GLU A 134 27.06 -7.77 75.14
CA GLU A 134 27.33 -6.45 75.69
C GLU A 134 26.62 -6.24 77.01
N ASN A 135 25.36 -6.67 77.07
CA ASN A 135 24.57 -6.55 78.30
C ASN A 135 25.20 -7.35 79.43
N ASN A 136 25.64 -8.57 79.11
CA ASN A 136 26.31 -9.41 80.10
C ASN A 136 27.61 -8.78 80.58
N ILE A 137 28.36 -8.18 79.66
CA ILE A 137 29.60 -7.50 80.02
C ILE A 137 29.33 -6.35 80.99
N SER A 138 28.35 -5.53 80.66
CA SER A 138 27.97 -4.40 81.51
C SER A 138 27.52 -4.88 82.88
N ALA A 139 26.81 -6.00 82.91
CA ALA A 139 26.35 -6.59 84.17
C ALA A 139 27.51 -7.11 85.03
N LEU A 140 28.48 -7.74 84.39
CA LEU A 140 29.64 -8.27 85.11
C LEU A 140 30.53 -7.15 85.63
N GLN A 141 30.57 -6.04 84.89
CA GLN A 141 31.34 -4.88 85.27
C GLN A 141 30.63 -4.06 86.33
N ALA A 142 29.31 -4.20 86.38
CA ALA A 142 28.49 -3.50 87.37
C ALA A 142 28.91 -3.85 88.79
N ASP A 143 29.33 -5.09 89.01
CA ASP A 143 29.81 -5.48 90.33
C ASP A 143 31.32 -5.65 90.32
N TYR A 144 32.02 -4.61 90.79
CA TYR A 144 33.44 -4.65 91.13
C TYR A 144 34.28 -4.84 89.88
N MET B 5 8.20 6.20 -20.71
CA MET B 5 6.77 6.08 -20.99
C MET B 5 6.56 5.55 -22.40
N ALA B 6 5.44 4.87 -22.62
CA ALA B 6 5.31 3.94 -23.73
C ALA B 6 4.60 4.63 -24.89
N ASP B 7 5.10 4.44 -26.10
CA ASP B 7 4.56 5.14 -27.27
C ASP B 7 3.56 4.28 -28.03
N PRO B 8 2.26 4.64 -27.95
CA PRO B 8 1.16 3.89 -28.57
C PRO B 8 1.17 3.96 -30.09
N SER B 9 1.89 4.94 -30.64
CA SER B 9 1.98 5.13 -32.09
C SER B 9 2.63 3.94 -32.77
N LEU B 10 3.38 3.16 -31.99
CA LEU B 10 4.03 1.96 -32.51
C LEU B 10 3.02 0.87 -32.81
N ASN B 11 1.81 1.05 -32.29
CA ASN B 11 0.70 0.11 -32.53
C ASN B 11 -0.18 0.53 -33.70
N ASN B 12 0.20 1.61 -34.38
CA ASN B 12 -0.56 2.05 -35.54
C ASN B 12 0.07 1.53 -36.83
N PRO B 13 -0.58 0.55 -37.46
CA PRO B 13 -0.07 -0.12 -38.66
C PRO B 13 -0.22 0.72 -39.92
N VAL B 14 0.71 0.55 -40.86
CA VAL B 14 0.55 1.13 -42.18
C VAL B 14 -0.36 0.22 -42.99
N VAL B 15 -1.43 0.79 -43.56
CA VAL B 15 -2.30 0.01 -44.41
C VAL B 15 -1.88 0.24 -45.85
N ILE B 16 -1.54 -0.85 -46.55
CA ILE B 16 -1.00 -0.74 -47.90
C ILE B 16 -2.08 -0.72 -48.97
N GLN B 17 -2.31 0.47 -49.53
CA GLN B 17 -3.32 0.69 -50.56
C GLN B 17 -3.23 -0.31 -51.72
N ALA B 18 -2.06 -0.91 -51.89
CA ALA B 18 -1.83 -1.86 -52.97
C ALA B 18 -2.06 -3.29 -52.49
N THR B 19 -3.05 -3.96 -53.09
CA THR B 19 -3.25 -5.38 -52.85
C THR B 19 -2.90 -6.21 -54.07
N ARG B 20 -1.80 -6.95 -53.97
CA ARG B 20 -0.81 -6.99 -55.05
C ARG B 20 -1.33 -7.79 -56.24
N LEU B 21 -1.43 -7.14 -57.39
CA LEU B 21 -1.20 -7.81 -58.67
C LEU B 21 -2.41 -8.64 -59.07
N ASP B 22 -2.74 -8.62 -60.37
CA ASP B 22 -3.67 -9.58 -60.95
C ASP B 22 -3.22 -9.94 -62.36
N ALA B 23 -3.68 -11.05 -62.91
CA ALA B 23 -3.25 -11.43 -64.24
C ALA B 23 -4.00 -10.60 -65.28
N SER B 24 -4.89 -9.74 -64.81
CA SER B 24 -5.63 -8.83 -65.68
C SER B 24 -4.90 -7.52 -65.90
N ILE B 25 -4.30 -6.97 -64.84
CA ILE B 25 -3.70 -5.65 -64.91
C ILE B 25 -2.30 -5.62 -65.52
N LEU B 26 -1.61 -6.76 -65.54
CA LEU B 26 -0.25 -6.79 -66.06
C LEU B 26 -0.14 -6.80 -67.58
N PRO B 27 0.90 -6.15 -68.12
CA PRO B 27 1.24 -6.19 -69.55
C PRO B 27 1.65 -7.61 -69.89
N ARG B 28 1.69 -8.00 -71.17
CA ARG B 28 2.04 -9.39 -71.44
C ARG B 28 3.36 -9.57 -72.23
N ASN B 29 3.30 -9.38 -73.54
CA ASN B 29 4.44 -9.67 -74.41
C ASN B 29 5.70 -8.82 -74.18
N VAL B 30 5.59 -7.82 -73.32
CA VAL B 30 6.70 -6.90 -73.07
C VAL B 30 7.71 -7.37 -72.02
N PHE B 31 7.25 -8.15 -71.05
CA PHE B 31 8.12 -8.57 -69.96
C PHE B 31 8.73 -9.95 -70.19
N SER B 32 9.98 -10.11 -69.79
CA SER B 32 10.63 -11.41 -69.68
C SER B 32 10.09 -12.20 -68.49
N LYS B 33 10.04 -13.54 -68.64
CA LYS B 33 9.62 -14.43 -67.57
C LYS B 33 10.23 -14.04 -66.22
N SER B 34 11.55 -13.90 -66.17
CA SER B 34 12.24 -13.57 -64.94
C SER B 34 11.72 -12.26 -64.36
N TYR B 35 11.44 -11.29 -65.23
CA TYR B 35 10.94 -10.00 -64.78
C TYR B 35 9.49 -10.09 -64.30
N LEU B 36 8.69 -10.94 -64.94
CA LEU B 36 7.31 -11.15 -64.51
C LEU B 36 7.26 -11.78 -63.13
N LEU B 37 8.02 -12.86 -62.96
CA LEU B 37 8.10 -13.54 -61.68
C LEU B 37 8.64 -12.57 -60.65
N TYR B 38 9.52 -11.67 -61.09
CA TYR B 38 10.04 -10.63 -60.20
C TYR B 38 8.94 -9.67 -59.75
N VAL B 39 8.08 -9.26 -60.68
CA VAL B 39 6.99 -8.35 -60.33
C VAL B 39 6.00 -9.00 -59.36
N ILE B 40 5.64 -10.25 -59.63
CA ILE B 40 4.73 -10.98 -58.74
C ILE B 40 5.32 -11.12 -57.33
N ALA B 41 6.55 -11.64 -57.28
CA ALA B 41 7.25 -11.84 -56.02
C ALA B 41 7.39 -10.52 -55.26
N GLN B 42 7.68 -9.45 -56.00
CA GLN B 42 7.86 -8.14 -55.39
C GLN B 42 6.57 -7.65 -54.80
N GLY B 43 5.47 -7.89 -55.51
CA GLY B 43 4.18 -7.52 -54.99
C GLY B 43 3.87 -8.22 -53.69
N THR B 44 3.86 -9.55 -53.69
CA THR B 44 3.54 -10.27 -52.46
C THR B 44 4.48 -9.93 -51.29
N ASP B 45 5.77 -9.90 -51.58
CA ASP B 45 6.78 -9.69 -50.55
C ASP B 45 6.82 -8.29 -49.95
N VAL B 46 6.60 -7.24 -50.75
CA VAL B 46 6.57 -5.90 -50.16
C VAL B 46 5.42 -5.79 -49.14
N GLY B 47 4.27 -6.35 -49.49
CA GLY B 47 3.14 -6.43 -48.58
C GLY B 47 3.55 -7.15 -47.31
N ALA B 48 4.27 -8.27 -47.49
CA ALA B 48 4.74 -9.06 -46.36
C ALA B 48 5.62 -8.19 -45.44
N ILE B 49 6.48 -7.37 -46.05
CA ILE B 49 7.37 -6.50 -45.30
C ILE B 49 6.59 -5.45 -44.54
N ALA B 50 5.48 -4.99 -45.13
CA ALA B 50 4.57 -4.08 -44.43
C ALA B 50 4.05 -4.73 -43.16
N GLY B 51 3.55 -5.95 -43.31
CA GLY B 51 3.03 -6.71 -42.19
C GLY B 51 4.08 -6.88 -41.09
N LYS B 52 5.30 -7.23 -41.49
CA LYS B 52 6.38 -7.46 -40.55
C LYS B 52 6.78 -6.18 -39.82
N ALA B 53 6.81 -5.07 -40.53
CA ALA B 53 7.14 -3.78 -39.92
C ALA B 53 6.09 -3.39 -38.88
N ASN B 54 4.83 -3.59 -39.23
CA ASN B 54 3.74 -3.33 -38.29
C ASN B 54 3.86 -4.17 -37.03
N GLU B 55 4.09 -5.47 -37.24
CA GLU B 55 4.21 -6.43 -36.15
C GLU B 55 5.39 -6.04 -35.23
N ALA B 56 6.49 -5.62 -35.85
CA ALA B 56 7.67 -5.18 -35.11
C ALA B 56 7.34 -3.96 -34.26
N GLY B 57 6.60 -3.02 -34.83
CA GLY B 57 6.16 -1.85 -34.09
C GLY B 57 5.38 -2.23 -32.86
N GLN B 58 4.44 -3.17 -33.04
CA GLN B 58 3.63 -3.65 -31.93
C GLN B 58 4.50 -4.27 -30.83
N GLY B 59 5.48 -5.05 -31.26
CA GLY B 59 6.42 -5.67 -30.34
C GLY B 59 7.19 -4.66 -29.52
N ALA B 60 7.68 -3.62 -30.18
CA ALA B 60 8.41 -2.55 -29.50
C ALA B 60 7.53 -1.85 -28.47
N TYR B 61 6.27 -1.62 -28.85
CA TYR B 61 5.32 -1.02 -27.92
C TYR B 61 5.14 -1.87 -26.66
N ASP B 62 4.90 -3.16 -26.86
CA ASP B 62 4.72 -4.08 -25.74
C ASP B 62 5.95 -4.09 -24.85
N ALA B 63 7.12 -4.03 -25.47
CA ALA B 63 8.37 -3.93 -24.73
C ALA B 63 8.39 -2.66 -23.86
N GLN B 64 7.90 -1.55 -24.41
CA GLN B 64 7.89 -0.30 -23.66
C GLN B 64 6.94 -0.31 -22.46
N VAL B 65 5.72 -0.81 -22.66
CA VAL B 65 4.77 -0.88 -21.55
C VAL B 65 5.28 -1.84 -20.46
N LYS B 66 5.84 -2.96 -20.87
CA LYS B 66 6.40 -3.92 -19.93
C LYS B 66 7.52 -3.26 -19.13
N ASN B 67 8.33 -2.46 -19.82
CA ASN B 67 9.39 -1.70 -19.18
C ASN B 67 8.84 -0.71 -18.15
N ASP B 68 7.70 -0.11 -18.46
CA ASP B 68 7.06 0.82 -17.53
C ASP B 68 6.62 0.12 -16.24
N GLU B 69 5.91 -1.00 -16.39
CA GLU B 69 5.46 -1.75 -15.23
C GLU B 69 6.65 -2.21 -14.38
N GLN B 70 7.70 -2.66 -15.07
CA GLN B 70 8.92 -3.08 -14.39
C GLN B 70 9.58 -1.88 -13.70
N ASP B 71 9.35 -0.69 -14.22
CA ASP B 71 9.87 0.52 -13.60
C ASP B 71 9.16 0.78 -12.27
N VAL B 72 7.84 0.59 -12.27
CA VAL B 72 7.09 0.75 -11.02
C VAL B 72 7.56 -0.26 -9.96
N GLU B 73 7.67 -1.53 -10.37
CA GLU B 73 8.11 -2.56 -9.43
C GLU B 73 9.54 -2.32 -8.94
N LEU B 74 10.39 -1.81 -9.83
CA LEU B 74 11.78 -1.50 -9.48
C LEU B 74 11.84 -0.37 -8.47
N ALA B 75 10.99 0.64 -8.66
CA ALA B 75 10.93 1.76 -7.70
C ALA B 75 10.51 1.24 -6.32
N ASP B 76 9.50 0.37 -6.31
CA ASP B 76 9.07 -0.27 -5.07
C ASP B 76 10.24 -0.98 -4.38
N HIS B 77 10.95 -1.79 -5.16
CA HIS B 77 12.10 -2.52 -4.66
C HIS B 77 13.17 -1.58 -4.08
N GLU B 78 13.41 -0.48 -4.78
CA GLU B 78 14.36 0.54 -4.32
C GLU B 78 13.99 1.07 -2.94
N ALA B 79 12.75 1.55 -2.82
CA ALA B 79 12.28 2.09 -1.55
C ALA B 79 12.38 1.08 -0.41
N ARG B 80 11.87 -0.12 -0.65
CA ARG B 80 11.90 -1.15 0.38
C ARG B 80 13.33 -1.48 0.80
N ILE B 81 14.22 -1.63 -0.17
CA ILE B 81 15.62 -1.95 0.12
C ILE B 81 16.31 -0.87 0.94
N LYS B 82 16.16 0.39 0.55
CA LYS B 82 16.81 1.47 1.30
C LYS B 82 16.25 1.59 2.73
N GLN B 83 14.93 1.44 2.87
CA GLN B 83 14.31 1.51 4.19
C GLN B 83 14.77 0.38 5.11
N LEU B 84 14.76 -0.85 4.60
CA LEU B 84 15.23 -1.97 5.40
C LEU B 84 16.73 -1.82 5.67
N ARG B 85 17.45 -1.15 4.78
CA ARG B 85 18.87 -0.90 5.00
C ARG B 85 19.11 0.01 6.21
N ILE B 86 18.43 1.15 6.25
CA ILE B 86 18.57 2.06 7.39
C ILE B 86 18.11 1.35 8.67
N ASP B 87 17.01 0.60 8.58
CA ASP B 87 16.51 -0.14 9.74
C ASP B 87 17.54 -1.13 10.27
N VAL B 88 18.20 -1.84 9.36
CA VAL B 88 19.21 -2.83 9.73
C VAL B 88 20.41 -2.12 10.38
N ASP B 89 20.75 -0.93 9.89
CA ASP B 89 21.84 -0.17 10.50
C ASP B 89 21.47 0.19 11.95
N ASP B 90 20.21 0.61 12.13
CA ASP B 90 19.69 0.90 13.46
C ASP B 90 19.81 -0.30 14.39
N HIS B 91 19.42 -1.48 13.87
CA HIS B 91 19.54 -2.72 14.61
C HIS B 91 20.98 -2.99 15.00
N GLU B 92 21.91 -2.72 14.08
CA GLU B 92 23.33 -2.87 14.36
C GLU B 92 23.71 -2.02 15.56
N SER B 93 23.32 -0.75 15.52
CA SER B 93 23.59 0.17 16.62
C SER B 93 23.06 -0.33 17.98
N ARG B 94 21.78 -0.65 18.04
CA ARG B 94 21.20 -1.05 19.32
C ARG B 94 21.72 -2.41 19.81
N ILE B 95 22.04 -3.31 18.89
CA ILE B 95 22.65 -4.59 19.25
C ILE B 95 23.99 -4.35 19.91
N THR B 96 24.82 -3.52 19.27
CA THR B 96 26.12 -3.17 19.83
C THR B 96 25.96 -2.58 21.23
N ALA B 97 25.03 -1.64 21.35
CA ALA B 97 24.73 -1.01 22.64
C ALA B 97 24.37 -2.05 23.70
N ASN B 98 23.54 -3.02 23.32
CA ASN B 98 23.11 -4.06 24.25
C ASN B 98 24.27 -4.96 24.67
N THR B 99 25.16 -5.26 23.73
CA THR B 99 26.33 -6.07 24.05
C THR B 99 27.22 -5.35 25.05
N LYS B 100 27.43 -4.06 24.82
CA LYS B 100 28.24 -3.25 25.72
C LYS B 100 27.61 -3.18 27.11
N ALA B 101 26.29 -3.05 27.15
CA ALA B 101 25.56 -3.01 28.40
C ALA B 101 25.68 -4.33 29.16
N ILE B 102 25.62 -5.44 28.42
CA ILE B 102 25.75 -6.76 29.01
C ILE B 102 27.13 -6.97 29.60
N THR B 103 28.16 -6.57 28.85
CA THR B 103 29.53 -6.68 29.31
C THR B 103 29.72 -5.85 30.59
N ALA B 104 29.23 -4.61 30.58
CA ALA B 104 29.32 -3.73 31.73
C ALA B 104 28.62 -4.32 32.95
N LEU B 105 27.43 -4.87 32.74
CA LEU B 105 26.68 -5.49 33.82
C LEU B 105 27.44 -6.68 34.39
N ASN B 106 28.12 -7.41 33.52
CA ASN B 106 28.92 -8.55 33.95
C ASN B 106 30.07 -8.10 34.82
N VAL B 107 30.72 -7.01 34.41
CA VAL B 107 31.84 -6.46 35.17
C VAL B 107 31.35 -6.00 36.54
N ARG B 108 30.14 -5.45 36.59
CA ARG B 108 29.54 -5.04 37.85
C ARG B 108 29.25 -6.23 38.77
N VAL B 109 28.63 -7.27 38.20
CA VAL B 109 28.26 -8.46 38.96
C VAL B 109 29.45 -9.23 39.50
N THR B 110 30.55 -9.27 38.74
CA THR B 110 31.75 -9.97 39.22
C THR B 110 32.29 -9.32 40.50
N THR B 111 32.40 -8.00 40.47
CA THR B 111 32.87 -7.22 41.61
C THR B 111 31.91 -7.36 42.78
N ALA B 112 30.61 -7.37 42.47
CA ALA B 112 29.58 -7.52 43.50
C ALA B 112 29.73 -8.85 44.22
N GLU B 113 29.96 -9.92 43.45
CA GLU B 113 30.16 -11.24 44.03
C GLU B 113 31.44 -11.29 44.85
N GLY B 114 32.48 -10.61 44.39
CA GLY B 114 33.72 -10.52 45.15
C GLY B 114 33.48 -9.89 46.51
N GLU B 115 32.66 -8.83 46.51
CA GLU B 115 32.35 -8.12 47.76
C GLU B 115 31.48 -8.99 48.67
N ILE B 116 30.60 -9.78 48.07
CA ILE B 116 29.78 -10.71 48.82
C ILE B 116 30.67 -11.75 49.51
N ALA B 117 31.67 -12.23 48.77
CA ALA B 117 32.61 -13.20 49.30
C ALA B 117 33.37 -12.62 50.49
N SER B 118 33.89 -11.41 50.32
CA SER B 118 34.59 -10.72 51.41
C SER B 118 33.67 -10.58 52.63
N LEU B 119 32.40 -10.27 52.37
CA LEU B 119 31.42 -10.15 53.43
C LEU B 119 31.18 -11.48 54.17
N GLN B 120 31.19 -12.58 53.42
CA GLN B 120 31.02 -13.90 54.01
C GLN B 120 32.21 -14.25 54.89
N THR B 121 33.41 -13.98 54.40
CA THR B 121 34.61 -14.25 55.19
C THR B 121 34.59 -13.44 56.48
N ASN B 122 34.27 -12.15 56.36
CA ASN B 122 34.19 -11.27 57.53
C ASN B 122 33.12 -11.69 58.53
N VAL B 123 31.96 -12.10 58.04
CA VAL B 123 30.86 -12.51 58.91
C VAL B 123 31.20 -13.83 59.60
N SER B 124 31.96 -14.68 58.92
CA SER B 124 32.40 -15.94 59.51
C SER B 124 33.41 -15.67 60.63
N ALA B 125 34.37 -14.79 60.36
CA ALA B 125 35.35 -14.40 61.37
C ALA B 125 34.67 -13.80 62.59
N LEU B 126 33.72 -12.89 62.33
CA LEU B 126 32.94 -12.28 63.40
C LEU B 126 32.14 -13.33 64.17
N ASP B 127 31.68 -14.36 63.46
CA ASP B 127 30.95 -15.46 64.07
C ASP B 127 31.84 -16.17 65.07
N GLY B 128 33.04 -16.52 64.65
CA GLY B 128 34.00 -17.18 65.51
C GLY B 128 34.36 -16.35 66.73
N ARG B 129 34.66 -15.07 66.48
CA ARG B 129 35.03 -14.14 67.54
C ARG B 129 33.91 -13.98 68.56
N VAL B 130 32.67 -13.96 68.07
CA VAL B 130 31.50 -13.83 68.92
C VAL B 130 31.32 -15.10 69.76
N THR B 131 31.62 -16.25 69.16
CA THR B 131 31.57 -17.51 69.91
C THR B 131 32.60 -17.51 71.03
N THR B 132 33.81 -17.08 70.72
CA THR B 132 34.88 -16.95 71.71
C THR B 132 34.45 -16.02 72.84
N ALA B 133 33.80 -14.91 72.46
CA ALA B 133 33.28 -13.97 73.45
C ALA B 133 32.25 -14.62 74.36
N GLU B 134 31.37 -15.43 73.77
CA GLU B 134 30.36 -16.17 74.52
C GLU B 134 31.02 -17.11 75.52
N ASN B 135 32.04 -17.83 75.09
CA ASN B 135 32.75 -18.74 75.97
C ASN B 135 33.48 -18.04 77.10
N ASN B 136 34.12 -16.92 76.78
CA ASN B 136 34.82 -16.14 77.80
C ASN B 136 33.89 -15.52 78.84
N ILE B 137 32.77 -14.96 78.39
CA ILE B 137 31.79 -14.40 79.32
C ILE B 137 31.20 -15.50 80.20
N SER B 138 30.79 -16.60 79.55
CA SER B 138 30.19 -17.76 80.23
C SER B 138 31.16 -18.32 81.26
N ALA B 139 32.44 -18.30 80.91
CA ALA B 139 33.50 -18.69 81.82
C ALA B 139 33.63 -17.69 82.97
N LEU B 140 33.44 -16.41 82.69
CA LEU B 140 33.62 -15.39 83.71
C LEU B 140 32.57 -15.43 84.83
N GLN B 141 31.32 -15.74 84.52
CA GLN B 141 30.34 -15.94 85.62
C GLN B 141 30.46 -17.35 86.17
N ALA B 142 30.96 -18.27 85.34
CA ALA B 142 31.13 -19.65 85.78
C ALA B 142 32.04 -19.66 87.01
N ASP B 143 33.02 -18.76 87.01
CA ASP B 143 33.89 -18.57 88.16
C ASP B 143 33.59 -17.22 88.79
N TYR B 144 32.82 -17.22 89.86
CA TYR B 144 32.45 -15.96 90.54
C TYR B 144 32.35 -16.17 92.05
N MET C 5 4.55 -14.10 -21.57
CA MET C 5 4.26 -13.38 -22.80
C MET C 5 5.52 -13.00 -23.57
N ALA C 6 5.87 -13.83 -24.55
CA ALA C 6 6.90 -13.47 -25.52
C ALA C 6 6.53 -14.03 -26.90
N ASP C 7 6.66 -13.19 -27.92
CA ASP C 7 6.26 -13.58 -29.27
C ASP C 7 7.47 -14.02 -30.11
N PRO C 8 7.58 -15.33 -30.39
CA PRO C 8 8.72 -15.83 -31.16
C PRO C 8 8.68 -15.43 -32.63
N SER C 9 7.49 -15.03 -33.09
CA SER C 9 7.29 -14.63 -34.49
C SER C 9 8.09 -13.39 -34.85
N LEU C 10 8.45 -12.60 -33.84
CA LEU C 10 9.25 -11.41 -34.07
C LEU C 10 10.68 -11.76 -34.44
N ASN C 11 11.07 -13.01 -34.19
CA ASN C 11 12.41 -13.46 -34.51
C ASN C 11 12.46 -14.18 -35.86
N ASN C 12 11.31 -14.27 -36.53
CA ASN C 12 11.23 -14.87 -37.85
C ASN C 12 11.18 -13.85 -38.97
N PRO C 13 12.28 -13.72 -39.74
CA PRO C 13 12.37 -12.74 -40.82
C PRO C 13 11.55 -13.16 -42.04
N VAL C 14 11.02 -12.17 -42.76
CA VAL C 14 10.36 -12.42 -44.05
C VAL C 14 11.42 -12.56 -45.15
N VAL C 15 11.35 -13.63 -45.93
CA VAL C 15 12.30 -13.79 -47.02
C VAL C 15 11.71 -13.26 -48.33
N ILE C 16 12.33 -12.23 -48.88
CA ILE C 16 11.86 -11.54 -50.08
C ILE C 16 12.30 -12.11 -51.42
N GLN C 17 11.46 -11.87 -52.43
CA GLN C 17 11.64 -12.30 -53.81
C GLN C 17 11.92 -13.78 -54.07
N ALA C 18 12.67 -14.00 -55.14
CA ALA C 18 13.52 -15.16 -55.39
C ALA C 18 14.83 -14.70 -56.04
N THR C 19 14.68 -14.09 -57.21
CA THR C 19 15.81 -13.63 -58.03
C THR C 19 16.09 -12.12 -58.01
N ARG C 20 17.38 -11.79 -57.92
CA ARG C 20 17.86 -10.41 -57.87
C ARG C 20 17.77 -9.73 -59.23
N LEU C 21 17.74 -8.40 -59.25
CA LEU C 21 17.60 -7.69 -60.52
C LEU C 21 18.83 -6.89 -60.94
N ASP C 22 19.25 -7.12 -62.18
CA ASP C 22 20.20 -6.26 -62.89
C ASP C 22 19.44 -5.89 -64.15
N ALA C 23 19.80 -4.83 -64.85
CA ALA C 23 18.99 -4.61 -66.02
C ALA C 23 19.60 -5.47 -67.10
N SER C 24 19.03 -6.65 -67.20
CA SER C 24 19.33 -7.68 -68.17
C SER C 24 17.97 -8.22 -68.56
N ILE C 25 17.23 -8.57 -67.51
CA ILE C 25 15.92 -9.18 -67.59
C ILE C 25 14.86 -8.12 -67.88
N LEU C 26 15.24 -6.87 -67.74
CA LEU C 26 14.34 -5.76 -67.98
C LEU C 26 14.14 -5.66 -69.50
N PRO C 27 12.95 -5.25 -69.95
CA PRO C 27 12.73 -5.18 -71.40
C PRO C 27 13.68 -4.18 -72.09
N ARG C 28 13.65 -2.94 -71.64
CA ARG C 28 14.62 -1.91 -72.05
C ARG C 28 14.81 -1.68 -73.57
N ASN C 29 13.71 -1.59 -74.31
CA ASN C 29 13.47 -0.51 -75.28
C ASN C 29 12.16 0.19 -74.99
N VAL C 30 11.39 -0.40 -74.06
CA VAL C 30 10.09 0.11 -73.67
C VAL C 30 10.12 1.12 -72.51
N PHE C 31 11.12 0.98 -71.63
CA PHE C 31 11.19 1.83 -70.45
C PHE C 31 12.07 3.03 -70.71
N SER C 32 11.70 4.18 -70.17
CA SER C 32 12.53 5.35 -70.26
C SER C 32 13.67 5.25 -69.27
N LYS C 33 14.61 6.19 -69.36
CA LYS C 33 15.71 6.26 -68.41
C LYS C 33 15.22 6.36 -66.97
N SER C 34 14.47 7.42 -66.68
CA SER C 34 13.99 7.69 -65.32
C SER C 34 13.21 6.53 -64.71
N TYR C 35 12.35 5.89 -65.51
CA TYR C 35 11.57 4.75 -65.01
C TYR C 35 12.43 3.52 -64.81
N LEU C 36 13.43 3.34 -65.65
CA LEU C 36 14.35 2.22 -65.53
C LEU C 36 15.12 2.34 -64.23
N LEU C 37 15.69 3.53 -64.03
CA LEU C 37 16.43 3.84 -62.81
C LEU C 37 15.50 3.71 -61.61
N TYR C 38 14.21 4.03 -61.82
CA TYR C 38 13.17 3.94 -60.79
C TYR C 38 12.92 2.49 -60.39
N VAL C 39 12.86 1.60 -61.38
CA VAL C 39 12.70 0.20 -61.09
C VAL C 39 13.88 -0.32 -60.29
N ILE C 40 15.09 0.04 -60.71
CA ILE C 40 16.24 -0.51 -59.98
C ILE C 40 16.40 -0.05 -58.53
N ALA C 41 16.45 1.27 -58.32
CA ALA C 41 16.59 1.82 -56.96
C ALA C 41 15.44 1.29 -56.14
N GLN C 42 14.26 1.13 -56.74
CA GLN C 42 13.13 0.58 -55.97
C GLN C 42 13.42 -0.85 -55.55
N GLY C 43 14.08 -1.62 -56.42
CA GLY C 43 14.49 -2.97 -56.04
C GLY C 43 15.39 -2.92 -54.81
N THR C 44 16.44 -2.11 -54.93
CA THR C 44 17.39 -1.92 -53.84
C THR C 44 16.68 -1.51 -52.54
N ASP C 45 15.71 -0.62 -52.69
CA ASP C 45 14.97 -0.06 -51.57
C ASP C 45 14.09 -1.10 -50.89
N VAL C 46 13.47 -1.96 -51.69
CA VAL C 46 12.67 -3.06 -51.14
C VAL C 46 13.57 -3.98 -50.33
N GLY C 47 14.76 -4.28 -50.86
CA GLY C 47 15.72 -5.06 -50.12
C GLY C 47 16.06 -4.43 -48.77
N ALA C 48 16.36 -3.14 -48.81
CA ALA C 48 16.74 -2.39 -47.61
C ALA C 48 15.63 -2.39 -46.56
N ILE C 49 14.40 -2.16 -46.99
CA ILE C 49 13.26 -2.12 -46.07
C ILE C 49 12.99 -3.51 -45.49
N ALA C 50 13.20 -4.55 -46.29
CA ALA C 50 13.10 -5.91 -45.78
C ALA C 50 14.09 -6.10 -44.63
N GLY C 51 15.35 -5.71 -44.88
CA GLY C 51 16.37 -5.81 -43.87
C GLY C 51 16.05 -5.05 -42.59
N LYS C 52 15.56 -3.82 -42.75
CA LYS C 52 15.24 -2.97 -41.62
C LYS C 52 14.09 -3.52 -40.78
N ALA C 53 13.06 -4.03 -41.47
CA ALA C 53 11.91 -4.61 -40.79
C ALA C 53 12.33 -5.86 -40.01
N ASN C 54 13.14 -6.70 -40.64
CA ASN C 54 13.63 -7.90 -39.97
C ASN C 54 14.47 -7.59 -38.74
N GLU C 55 15.44 -6.69 -38.88
CA GLU C 55 16.30 -6.34 -37.75
C GLU C 55 15.49 -5.69 -36.62
N ALA C 56 14.55 -4.83 -36.97
CA ALA C 56 13.70 -4.19 -35.96
C ALA C 56 12.89 -5.24 -35.19
N GLY C 57 12.31 -6.17 -35.93
CA GLY C 57 11.56 -7.26 -35.31
C GLY C 57 12.41 -8.06 -34.35
N GLN C 58 13.60 -8.43 -34.80
CA GLN C 58 14.53 -9.20 -33.97
C GLN C 58 14.92 -8.43 -32.70
N GLY C 59 15.18 -7.14 -32.85
CA GLY C 59 15.52 -6.29 -31.73
C GLY C 59 14.41 -6.26 -30.70
N ALA C 60 13.17 -6.12 -31.17
CA ALA C 60 12.02 -6.13 -30.28
C ALA C 60 11.92 -7.48 -29.56
N TYR C 61 12.19 -8.55 -30.29
CA TYR C 61 12.19 -9.90 -29.72
C TYR C 61 13.18 -10.02 -28.57
N ASP C 62 14.43 -9.60 -28.81
CA ASP C 62 15.47 -9.63 -27.80
C ASP C 62 15.07 -8.78 -26.58
N ALA C 63 14.43 -7.65 -26.85
CA ALA C 63 13.92 -6.80 -25.77
C ALA C 63 12.93 -7.57 -24.91
N GLN C 64 12.09 -8.37 -25.57
CA GLN C 64 11.11 -9.18 -24.85
C GLN C 64 11.75 -10.29 -24.03
N VAL C 65 12.77 -10.95 -24.59
CA VAL C 65 13.48 -11.99 -23.85
C VAL C 65 14.16 -11.42 -22.61
N LYS C 66 14.77 -10.26 -22.78
CA LYS C 66 15.40 -9.56 -21.66
C LYS C 66 14.35 -9.22 -20.62
N ASN C 67 13.16 -8.83 -21.10
CA ASN C 67 12.05 -8.56 -20.19
C ASN C 67 11.68 -9.79 -19.38
N ASP C 68 11.72 -10.96 -20.01
CA ASP C 68 11.43 -12.21 -19.32
C ASP C 68 12.44 -12.51 -18.22
N GLU C 69 13.72 -12.47 -18.59
CA GLU C 69 14.78 -12.74 -17.60
C GLU C 69 14.70 -11.73 -16.44
N GLN C 70 14.44 -10.48 -16.77
CA GLN C 70 14.30 -9.43 -15.76
C GLN C 70 13.07 -9.65 -14.88
N ASP C 71 12.06 -10.31 -15.43
CA ASP C 71 10.87 -10.65 -14.65
C ASP C 71 11.21 -11.74 -13.64
N VAL C 72 11.99 -12.73 -14.08
CA VAL C 72 12.44 -13.78 -13.17
C VAL C 72 13.29 -13.19 -12.05
N GLU C 73 14.21 -12.31 -12.41
CA GLU C 73 15.09 -11.67 -11.45
C GLU C 73 14.30 -10.80 -10.48
N LEU C 74 13.24 -10.17 -10.98
CA LEU C 74 12.38 -9.34 -10.15
C LEU C 74 11.61 -10.18 -9.14
N ALA C 75 11.14 -11.35 -9.57
CA ALA C 75 10.45 -12.26 -8.66
C ALA C 75 11.39 -12.76 -7.55
N ASP C 76 12.60 -13.15 -7.96
CA ASP C 76 13.62 -13.57 -6.99
C ASP C 76 13.88 -12.48 -5.95
N HIS C 77 14.12 -11.27 -6.44
CA HIS C 77 14.36 -10.12 -5.58
C HIS C 77 13.18 -9.88 -4.64
N GLU C 78 11.96 -10.02 -5.17
CA GLU C 78 10.76 -9.85 -4.36
C GLU C 78 10.74 -10.81 -3.17
N ALA C 79 10.89 -12.10 -3.46
CA ALA C 79 10.87 -13.12 -2.40
C ALA C 79 11.95 -12.85 -1.35
N ARG C 80 13.17 -12.61 -1.83
CA ARG C 80 14.29 -12.37 -0.93
C ARG C 80 14.03 -11.15 -0.04
N ILE C 81 13.54 -10.07 -0.63
CA ILE C 81 13.24 -8.85 0.09
C ILE C 81 12.17 -9.03 1.17
N LYS C 82 11.06 -9.69 0.80
CA LYS C 82 9.99 -9.89 1.78
C LYS C 82 10.47 -10.76 2.95
N GLN C 83 11.25 -11.79 2.65
CA GLN C 83 11.79 -12.63 3.72
C GLN C 83 12.69 -11.80 4.64
N LEU C 84 13.54 -10.96 4.04
CA LEU C 84 14.39 -10.08 4.85
C LEU C 84 13.56 -9.13 5.70
N ARG C 85 12.38 -8.74 5.21
CA ARG C 85 11.51 -7.87 5.98
C ARG C 85 11.02 -8.60 7.23
N ILE C 86 10.54 -9.83 7.04
CA ILE C 86 10.07 -10.62 8.18
C ILE C 86 11.20 -10.86 9.20
N ASP C 87 12.38 -11.22 8.70
CA ASP C 87 13.54 -11.43 9.58
C ASP C 87 13.90 -10.19 10.38
N VAL C 88 13.87 -9.03 9.71
CA VAL C 88 14.21 -7.77 10.36
C VAL C 88 13.17 -7.45 11.43
N ASP C 89 11.91 -7.75 11.16
CA ASP C 89 10.88 -7.53 12.16
C ASP C 89 11.11 -8.41 13.40
N ASP C 90 11.46 -9.67 13.16
CA ASP C 90 11.80 -10.58 14.26
C ASP C 90 12.96 -10.04 15.10
N HIS C 91 13.99 -9.58 14.40
CA HIS C 91 15.15 -8.96 15.06
C HIS C 91 14.74 -7.76 15.90
N GLU C 92 13.83 -6.96 15.37
CA GLU C 92 13.30 -5.82 16.12
C GLU C 92 12.68 -6.29 17.44
N SER C 93 11.81 -7.29 17.34
CA SER C 93 11.19 -7.86 18.53
C SER C 93 12.22 -8.28 19.57
N ARG C 94 13.20 -9.08 19.14
CA ARG C 94 14.19 -9.62 20.07
C ARG C 94 15.11 -8.54 20.66
N ILE C 95 15.42 -7.53 19.86
CA ILE C 95 16.23 -6.40 20.32
C ILE C 95 15.50 -5.61 21.39
N THR C 96 14.23 -5.28 21.13
CA THR C 96 13.42 -4.57 22.12
C THR C 96 13.35 -5.37 23.42
N ALA C 97 13.08 -6.67 23.28
CA ALA C 97 13.01 -7.57 24.42
C ALA C 97 14.32 -7.54 25.22
N ASN C 98 15.44 -7.57 24.51
CA ASN C 98 16.75 -7.56 25.16
C ASN C 98 17.06 -6.25 25.88
N THR C 99 16.65 -5.14 25.27
CA THR C 99 16.85 -3.83 25.89
C THR C 99 16.06 -3.74 27.18
N LYS C 100 14.80 -4.16 27.13
CA LYS C 100 13.95 -4.15 28.31
C LYS C 100 14.49 -5.08 29.40
N ALA C 101 15.00 -6.23 28.98
CA ALA C 101 15.59 -7.20 29.90
C ALA C 101 16.83 -6.61 30.59
N ILE C 102 17.63 -5.88 29.83
CA ILE C 102 18.82 -5.22 30.37
C ILE C 102 18.43 -4.17 31.40
N THR C 103 17.41 -3.37 31.05
CA THR C 103 16.91 -2.35 31.97
C THR C 103 16.44 -2.99 33.27
N ALA C 104 15.65 -4.07 33.16
CA ALA C 104 15.16 -4.78 34.32
C ALA C 104 16.29 -5.35 35.19
N LEU C 105 17.29 -5.94 34.55
CA LEU C 105 18.44 -6.49 35.27
C LEU C 105 19.32 -5.44 35.97
N ASN C 106 19.46 -4.27 35.36
CA ASN C 106 20.31 -3.23 35.93
C ASN C 106 19.85 -2.70 37.28
N VAL C 107 18.55 -2.43 37.41
CA VAL C 107 18.00 -1.95 38.67
C VAL C 107 18.15 -3.03 39.74
N ARG C 108 18.05 -4.28 39.30
CA ARG C 108 18.23 -5.44 40.18
C ARG C 108 19.65 -5.47 40.73
N VAL C 109 20.63 -5.26 39.86
CA VAL C 109 22.02 -5.24 40.28
C VAL C 109 22.25 -4.05 41.21
N THR C 110 21.56 -2.94 40.93
CA THR C 110 21.66 -1.75 41.76
C THR C 110 21.15 -1.97 43.19
N THR C 111 19.97 -2.56 43.33
CA THR C 111 19.43 -2.85 44.66
C THR C 111 20.31 -3.87 45.38
N ALA C 112 20.83 -4.84 44.62
CA ALA C 112 21.71 -5.85 45.21
C ALA C 112 22.95 -5.19 45.79
N GLU C 113 23.54 -4.25 45.04
CA GLU C 113 24.72 -3.53 45.52
C GLU C 113 24.42 -2.63 46.71
N GLY C 114 23.24 -2.00 46.70
CA GLY C 114 22.82 -1.18 47.82
C GLY C 114 22.73 -1.99 49.10
N GLU C 115 22.17 -3.19 48.97
CA GLU C 115 22.04 -4.09 50.12
C GLU C 115 23.41 -4.59 50.55
N ILE C 116 24.32 -4.77 49.58
CA ILE C 116 25.69 -5.16 49.89
C ILE C 116 26.35 -4.07 50.72
N ALA C 117 26.11 -2.82 50.35
CA ALA C 117 26.65 -1.67 51.05
C ALA C 117 26.14 -1.61 52.49
N SER C 118 24.83 -1.76 52.65
CA SER C 118 24.23 -1.77 53.99
C SER C 118 24.84 -2.88 54.84
N LEU C 119 25.05 -4.05 54.21
CA LEU C 119 25.66 -5.18 54.89
C LEU C 119 27.12 -4.90 55.26
N GLN C 120 27.80 -4.13 54.41
CA GLN C 120 29.17 -3.74 54.69
C GLN C 120 29.24 -2.83 55.91
N THR C 121 28.43 -1.78 55.91
CA THR C 121 28.42 -0.84 57.02
C THR C 121 28.01 -1.52 58.32
N ASN C 122 26.97 -2.33 58.26
CA ASN C 122 26.53 -3.12 59.41
C ASN C 122 27.64 -4.02 59.93
N VAL C 123 28.33 -4.70 59.02
CA VAL C 123 29.42 -5.57 59.40
C VAL C 123 30.52 -4.78 60.11
N SER C 124 30.83 -3.61 59.59
CA SER C 124 31.83 -2.73 60.20
C SER C 124 31.40 -2.34 61.61
N ALA C 125 30.13 -2.00 61.77
CA ALA C 125 29.58 -1.70 63.09
C ALA C 125 29.79 -2.88 64.04
N LEU C 126 29.42 -4.08 63.59
CA LEU C 126 29.51 -5.25 64.43
C LEU C 126 30.97 -5.53 64.80
N ASP C 127 31.87 -5.19 63.90
CA ASP C 127 33.28 -5.53 64.05
C ASP C 127 33.94 -4.60 65.04
N GLY C 128 33.48 -3.36 65.07
CA GLY C 128 33.92 -2.44 66.11
C GLY C 128 33.38 -2.76 67.49
N ARG C 129 32.07 -2.99 67.56
CA ARG C 129 31.45 -3.33 68.85
C ARG C 129 32.04 -4.63 69.39
N VAL C 130 32.35 -5.56 68.49
CA VAL C 130 32.94 -6.83 68.90
C VAL C 130 34.36 -6.62 69.42
N THR C 131 35.11 -5.72 68.79
CA THR C 131 36.46 -5.39 69.27
C THR C 131 36.42 -4.76 70.66
N THR C 132 35.53 -3.79 70.84
CA THR C 132 35.35 -3.16 72.15
C THR C 132 34.94 -4.18 73.21
N ALA C 133 34.03 -5.08 72.84
CA ALA C 133 33.57 -6.13 73.73
C ALA C 133 34.73 -7.03 74.14
N GLU C 134 35.58 -7.39 73.17
CA GLU C 134 36.78 -8.17 73.45
C GLU C 134 37.69 -7.43 74.41
N ASN C 135 37.80 -6.11 74.22
CA ASN C 135 38.61 -5.29 75.11
C ASN C 135 38.09 -5.33 76.54
N ASN C 136 36.77 -5.24 76.68
CA ASN C 136 36.13 -5.32 78.00
C ASN C 136 36.32 -6.68 78.65
N ILE C 137 36.19 -7.75 77.85
CA ILE C 137 36.39 -9.10 78.32
C ILE C 137 37.82 -9.31 78.80
N SER C 138 38.77 -8.85 77.97
CA SER C 138 40.19 -8.95 78.29
C SER C 138 40.53 -8.16 79.54
N ALA C 139 39.88 -7.00 79.71
CA ALA C 139 40.09 -6.19 80.91
C ALA C 139 39.54 -6.87 82.15
N LEU C 140 38.39 -7.52 82.02
CA LEU C 140 37.78 -8.24 83.14
C LEU C 140 38.59 -9.48 83.49
N GLN C 141 39.22 -10.07 82.48
CA GLN C 141 40.04 -11.26 82.69
C GLN C 141 41.43 -10.93 83.22
N ALA C 142 41.93 -9.73 82.89
CA ALA C 142 43.24 -9.30 83.37
C ALA C 142 43.28 -9.09 84.89
N ASP C 143 42.23 -8.47 85.43
CA ASP C 143 42.11 -8.31 86.88
C ASP C 143 40.81 -8.95 87.44
N TYR C 144 40.85 -10.09 88.15
CA TYR C 144 41.96 -11.06 88.30
C TYR C 144 43.12 -10.52 89.13
N MET D 5 -12.53 9.05 25.06
CA MET D 5 -11.91 7.74 24.97
C MET D 5 -12.48 6.78 26.02
N ALA D 6 -11.75 5.72 26.30
CA ALA D 6 -12.19 4.70 27.24
C ALA D 6 -11.59 4.92 28.61
N ASP D 7 -12.41 4.79 29.65
CA ASP D 7 -11.98 5.06 31.01
C ASP D 7 -11.55 3.77 31.69
N PRO D 8 -10.23 3.61 31.94
CA PRO D 8 -9.68 2.38 32.51
C PRO D 8 -10.09 2.16 33.96
N SER D 9 -10.59 3.21 34.62
CA SER D 9 -11.05 3.09 35.99
C SER D 9 -12.25 2.16 36.09
N LEU D 10 -12.97 2.02 34.98
CA LEU D 10 -14.11 1.11 34.92
C LEU D 10 -13.66 -0.34 34.92
N ASN D 11 -12.37 -0.54 34.65
CA ASN D 11 -11.79 -1.87 34.65
C ASN D 11 -11.14 -2.15 36.00
N ASN D 12 -11.27 -1.19 36.91
CA ASN D 12 -10.77 -1.32 38.27
C ASN D 12 -11.87 -1.71 39.25
N PRO D 13 -11.84 -2.96 39.73
CA PRO D 13 -12.87 -3.53 40.61
C PRO D 13 -12.81 -2.99 42.03
N VAL D 14 -13.97 -2.92 42.69
CA VAL D 14 -14.01 -2.60 44.11
C VAL D 14 -13.69 -3.82 44.96
N VAL D 15 -12.73 -3.65 45.86
CA VAL D 15 -12.35 -4.71 46.78
C VAL D 15 -13.07 -4.55 48.12
N ILE D 16 -13.75 -5.61 48.55
CA ILE D 16 -14.51 -5.54 49.78
C ILE D 16 -13.56 -5.86 50.93
N GLN D 17 -13.16 -4.81 51.62
CA GLN D 17 -12.17 -4.88 52.69
C GLN D 17 -12.70 -5.55 53.95
N ALA D 18 -14.02 -5.71 54.02
CA ALA D 18 -14.58 -6.39 55.17
C ALA D 18 -14.46 -7.89 54.95
N THR D 19 -14.58 -8.64 56.03
CA THR D 19 -14.56 -10.08 56.00
C THR D 19 -15.98 -10.56 56.19
N ARG D 20 -16.37 -11.55 55.38
CA ARG D 20 -17.73 -12.05 55.41
C ARG D 20 -18.09 -12.35 56.84
N LEU D 21 -19.24 -11.83 57.24
CA LEU D 21 -19.72 -11.90 58.62
C LEU D 21 -19.59 -13.27 59.24
N ASP D 22 -19.17 -13.28 60.50
CA ASP D 22 -19.23 -14.48 61.29
C ASP D 22 -20.35 -14.19 62.26
N ALA D 23 -21.17 -15.19 62.55
CA ALA D 23 -22.31 -14.98 63.43
C ALA D 23 -21.93 -15.24 64.87
N SER D 24 -20.63 -15.37 65.10
CA SER D 24 -20.08 -15.57 66.44
C SER D 24 -19.86 -14.21 67.08
N ILE D 25 -19.43 -13.25 66.28
CA ILE D 25 -19.06 -11.92 66.74
C ILE D 25 -20.25 -11.00 66.96
N LEU D 26 -21.42 -11.39 66.46
CA LEU D 26 -22.61 -10.54 66.60
C LEU D 26 -23.11 -10.52 68.03
N PRO D 27 -23.65 -9.37 68.48
CA PRO D 27 -24.20 -9.25 69.82
C PRO D 27 -25.38 -10.20 70.02
N ARG D 28 -25.32 -11.06 71.03
CA ARG D 28 -26.38 -12.03 71.24
C ARG D 28 -27.69 -11.43 71.77
N ASN D 29 -27.70 -11.05 73.04
CA ASN D 29 -28.94 -10.66 73.72
C ASN D 29 -29.55 -9.30 73.40
N VAL D 30 -28.87 -8.46 72.63
CA VAL D 30 -29.44 -7.14 72.31
C VAL D 30 -30.25 -7.21 71.01
N PHE D 31 -29.63 -7.60 69.90
CA PHE D 31 -30.31 -7.67 68.62
C PHE D 31 -31.38 -8.74 68.66
N SER D 32 -32.49 -8.53 67.97
CA SER D 32 -33.46 -9.60 67.77
C SER D 32 -32.96 -10.60 66.74
N LYS D 33 -33.69 -11.70 66.59
CA LYS D 33 -33.41 -12.71 65.59
C LYS D 33 -33.42 -12.11 64.18
N SER D 34 -34.58 -11.55 63.82
CA SER D 34 -34.82 -10.99 62.49
C SER D 34 -33.76 -9.98 62.10
N TYR D 35 -33.32 -9.16 63.05
CA TYR D 35 -32.30 -8.16 62.75
C TYR D 35 -30.94 -8.82 62.51
N LEU D 36 -30.69 -9.92 63.21
CA LEU D 36 -29.46 -10.68 63.02
C LEU D 36 -29.41 -11.23 61.60
N LEU D 37 -30.51 -11.88 61.20
CA LEU D 37 -30.63 -12.44 59.86
C LEU D 37 -30.52 -11.32 58.83
N TYR D 38 -31.01 -10.14 59.20
CA TYR D 38 -30.92 -8.97 58.34
C TYR D 38 -29.47 -8.55 58.14
N VAL D 39 -28.68 -8.57 59.21
CA VAL D 39 -27.27 -8.19 59.10
C VAL D 39 -26.51 -9.17 58.22
N ILE D 40 -26.76 -10.46 58.42
CA ILE D 40 -26.11 -11.48 57.59
C ILE D 40 -26.46 -11.31 56.11
N ALA D 41 -27.76 -11.26 55.83
CA ALA D 41 -28.26 -11.11 54.47
C ALA D 41 -27.73 -9.84 53.82
N GLN D 42 -27.66 -8.76 54.59
CA GLN D 42 -27.19 -7.48 54.07
C GLN D 42 -25.70 -7.55 53.74
N GLY D 43 -24.93 -8.28 54.55
CA GLY D 43 -23.53 -8.49 54.25
C GLY D 43 -23.37 -9.17 52.90
N THR D 44 -24.04 -10.31 52.77
CA THR D 44 -23.99 -11.05 51.51
C THR D 44 -24.41 -10.16 50.33
N ASP D 45 -25.43 -9.34 50.56
CA ASP D 45 -25.96 -8.47 49.51
C ASP D 45 -24.95 -7.42 49.10
N VAL D 46 -24.20 -6.89 50.07
CA VAL D 46 -23.13 -5.95 49.76
C VAL D 46 -22.10 -6.64 48.87
N GLY D 47 -21.76 -7.88 49.20
CA GLY D 47 -20.88 -8.65 48.35
C GLY D 47 -21.37 -8.80 46.92
N ALA D 48 -22.64 -9.18 46.79
CA ALA D 48 -23.25 -9.39 45.48
C ALA D 48 -23.28 -8.11 44.65
N ILE D 49 -23.64 -7.00 45.28
CA ILE D 49 -23.70 -5.72 44.60
C ILE D 49 -22.29 -5.29 44.16
N ALA D 50 -21.30 -5.62 44.98
CA ALA D 50 -19.91 -5.38 44.59
C ALA D 50 -19.60 -6.12 43.29
N GLY D 51 -19.94 -7.42 43.27
CA GLY D 51 -19.72 -8.23 42.09
C GLY D 51 -20.40 -7.68 40.84
N LYS D 52 -21.66 -7.30 40.96
CA LYS D 52 -22.41 -6.78 39.83
C LYS D 52 -21.86 -5.45 39.35
N ALA D 53 -21.44 -4.60 40.29
CA ALA D 53 -20.86 -3.32 39.94
C ALA D 53 -19.57 -3.53 39.15
N ASN D 54 -18.77 -4.49 39.58
CA ASN D 54 -17.54 -4.83 38.88
C ASN D 54 -17.81 -5.32 37.45
N GLU D 55 -18.74 -6.27 37.33
CA GLU D 55 -19.09 -6.83 36.03
C GLU D 55 -19.64 -5.78 35.06
N ALA D 56 -20.53 -4.93 35.57
CA ALA D 56 -21.12 -3.85 34.79
C ALA D 56 -20.07 -2.85 34.34
N GLY D 57 -19.18 -2.49 35.26
CA GLY D 57 -18.07 -1.60 34.95
C GLY D 57 -17.21 -2.15 33.83
N GLN D 58 -16.88 -3.44 33.93
CA GLN D 58 -16.06 -4.10 32.91
C GLN D 58 -16.76 -4.07 31.54
N GLY D 59 -18.06 -4.37 31.55
CA GLY D 59 -18.83 -4.36 30.33
C GLY D 59 -18.88 -2.99 29.66
N ALA D 60 -19.14 -1.96 30.46
CA ALA D 60 -19.19 -0.59 29.96
C ALA D 60 -17.82 -0.15 29.42
N TYR D 61 -16.76 -0.53 30.12
CA TYR D 61 -15.41 -0.24 29.65
C TYR D 61 -15.15 -0.85 28.28
N ASP D 62 -15.48 -2.13 28.14
CA ASP D 62 -15.30 -2.82 26.86
C ASP D 62 -16.10 -2.14 25.75
N ALA D 63 -17.31 -1.70 26.10
CA ALA D 63 -18.14 -0.95 25.17
C ALA D 63 -17.42 0.31 24.72
N GLN D 64 -16.75 0.98 25.65
CA GLN D 64 -16.03 2.21 25.31
C GLN D 64 -14.81 1.99 24.41
N VAL D 65 -14.03 0.95 24.69
CA VAL D 65 -12.88 0.65 23.83
C VAL D 65 -13.38 0.30 22.42
N LYS D 66 -14.49 -0.44 22.36
CA LYS D 66 -15.11 -0.80 21.09
C LYS D 66 -15.53 0.48 20.35
N ASN D 67 -16.03 1.44 21.11
CA ASN D 67 -16.39 2.75 20.58
C ASN D 67 -15.19 3.47 19.99
N ASP D 68 -14.04 3.34 20.64
CA ASP D 68 -12.80 3.94 20.14
C ASP D 68 -12.39 3.34 18.80
N GLU D 69 -12.35 2.02 18.73
CA GLU D 69 -11.98 1.36 17.48
C GLU D 69 -12.95 1.75 16.36
N GLN D 70 -14.23 1.80 16.71
CA GLN D 70 -15.26 2.20 15.75
C GLN D 70 -15.10 3.67 15.35
N ASP D 71 -14.52 4.47 16.23
CA ASP D 71 -14.24 5.87 15.92
C ASP D 71 -13.13 5.96 14.88
N VAL D 72 -12.10 5.13 15.07
CA VAL D 72 -11.03 5.07 14.09
C VAL D 72 -11.57 4.66 12.74
N GLU D 73 -12.40 3.62 12.72
CA GLU D 73 -12.99 3.14 11.47
C GLU D 73 -13.94 4.17 10.82
N LEU D 74 -14.70 4.89 11.64
CA LEU D 74 -15.63 5.89 11.13
C LEU D 74 -14.94 7.08 10.51
N ALA D 75 -13.91 7.55 11.21
CA ALA D 75 -13.12 8.63 10.68
C ALA D 75 -12.51 8.12 9.38
N ASP D 76 -12.03 6.87 9.40
CA ASP D 76 -11.45 6.24 8.22
C ASP D 76 -12.39 6.34 7.01
N HIS D 77 -13.65 5.99 7.25
CA HIS D 77 -14.68 6.04 6.24
C HIS D 77 -14.84 7.48 5.73
N GLU D 78 -14.75 8.45 6.65
CA GLU D 78 -14.81 9.87 6.28
C GLU D 78 -13.73 10.20 5.24
N ALA D 79 -12.49 9.86 5.56
CA ALA D 79 -11.37 10.16 4.64
C ALA D 79 -11.57 9.52 3.27
N ARG D 80 -11.89 8.22 3.29
CA ARG D 80 -12.07 7.49 2.04
C ARG D 80 -13.17 8.11 1.18
N ILE D 81 -14.29 8.46 1.82
CA ILE D 81 -15.41 9.06 1.11
C ILE D 81 -15.04 10.39 0.46
N LYS D 82 -14.35 11.26 1.21
CA LYS D 82 -13.97 12.54 0.61
C LYS D 82 -13.02 12.34 -0.58
N GLN D 83 -12.08 11.40 -0.47
CA GLN D 83 -11.20 11.10 -1.61
C GLN D 83 -12.03 10.62 -2.83
N LEU D 84 -12.97 9.71 -2.59
CA LEU D 84 -13.80 9.19 -3.67
C LEU D 84 -14.55 10.34 -4.33
N ARG D 85 -14.88 11.34 -3.52
CA ARG D 85 -15.51 12.52 -4.06
C ARG D 85 -14.56 13.33 -4.97
N ILE D 86 -13.33 13.57 -4.51
CA ILE D 86 -12.38 14.32 -5.34
C ILE D 86 -12.10 13.62 -6.68
N ASP D 87 -11.84 12.32 -6.61
CA ASP D 87 -11.57 11.50 -7.79
C ASP D 87 -12.75 11.48 -8.75
N VAL D 88 -13.95 11.29 -8.20
CA VAL D 88 -15.16 11.23 -9.02
C VAL D 88 -15.46 12.57 -9.68
N ASP D 89 -15.26 13.68 -8.97
CA ASP D 89 -15.48 14.99 -9.56
C ASP D 89 -14.48 15.28 -10.69
N ASP D 90 -13.21 14.96 -10.44
CA ASP D 90 -12.17 15.13 -11.46
C ASP D 90 -12.55 14.34 -12.70
N HIS D 91 -12.97 13.10 -12.46
CA HIS D 91 -13.44 12.21 -13.52
C HIS D 91 -14.60 12.81 -14.29
N GLU D 92 -15.54 13.43 -13.58
CA GLU D 92 -16.67 14.10 -14.19
C GLU D 92 -16.21 15.15 -15.18
N SER D 93 -15.32 16.01 -14.71
CA SER D 93 -14.75 17.06 -15.56
C SER D 93 -14.11 16.48 -16.82
N ARG D 94 -13.22 15.50 -16.65
CA ARG D 94 -12.51 14.96 -17.80
C ARG D 94 -13.43 14.19 -18.76
N ILE D 95 -14.46 13.55 -18.24
CA ILE D 95 -15.45 12.86 -19.08
C ILE D 95 -16.16 13.88 -19.95
N THR D 96 -16.61 14.97 -19.33
CA THR D 96 -17.28 16.04 -20.09
C THR D 96 -16.37 16.58 -21.19
N ALA D 97 -15.13 16.88 -20.83
CA ALA D 97 -14.14 17.37 -21.79
C ALA D 97 -13.97 16.41 -22.96
N ASN D 98 -13.88 15.13 -22.67
CA ASN D 98 -13.69 14.11 -23.70
C ASN D 98 -14.90 14.00 -24.62
N THR D 99 -16.09 14.10 -24.06
CA THR D 99 -17.31 14.06 -24.85
C THR D 99 -17.38 15.23 -25.82
N LYS D 100 -17.08 16.42 -25.31
CA LYS D 100 -17.09 17.62 -26.16
C LYS D 100 -16.03 17.51 -27.27
N ALA D 101 -14.87 16.95 -26.92
CA ALA D 101 -13.81 16.73 -27.91
C ALA D 101 -14.29 15.77 -29.00
N ILE D 102 -15.03 14.74 -28.59
CA ILE D 102 -15.58 13.76 -29.52
C ILE D 102 -16.57 14.42 -30.48
N THR D 103 -17.45 15.27 -29.95
CA THR D 103 -18.41 16.00 -30.78
C THR D 103 -17.70 16.89 -31.80
N ALA D 104 -16.71 17.64 -31.33
CA ALA D 104 -15.92 18.51 -32.20
C ALA D 104 -15.30 17.70 -33.32
N LEU D 105 -14.77 16.54 -32.95
CA LEU D 105 -14.19 15.63 -33.93
C LEU D 105 -15.24 15.17 -34.93
N ASN D 106 -16.47 14.96 -34.48
CA ASN D 106 -17.53 14.53 -35.38
C ASN D 106 -17.88 15.59 -36.43
N VAL D 107 -18.03 16.84 -36.00
CA VAL D 107 -18.34 17.90 -36.96
C VAL D 107 -17.16 18.11 -37.91
N ARG D 108 -15.95 17.98 -37.38
CA ARG D 108 -14.74 18.14 -38.17
C ARG D 108 -14.68 17.07 -39.26
N VAL D 109 -14.95 15.81 -38.87
CA VAL D 109 -14.94 14.69 -39.81
C VAL D 109 -16.05 14.86 -40.85
N THR D 110 -17.19 15.41 -40.44
CA THR D 110 -18.26 15.65 -41.40
C THR D 110 -17.78 16.62 -42.47
N THR D 111 -17.11 17.70 -42.05
CA THR D 111 -16.57 18.65 -43.03
C THR D 111 -15.51 18.00 -43.93
N ALA D 112 -14.66 17.16 -43.33
CA ALA D 112 -13.61 16.48 -44.08
C ALA D 112 -14.17 15.55 -45.16
N GLU D 113 -15.19 14.79 -44.80
CA GLU D 113 -15.86 13.87 -45.73
C GLU D 113 -16.54 14.69 -46.82
N GLY D 114 -17.09 15.82 -46.39
CA GLY D 114 -17.75 16.77 -47.26
C GLY D 114 -16.82 17.26 -48.33
N GLU D 115 -15.56 17.54 -47.98
CA GLU D 115 -14.58 17.94 -48.98
C GLU D 115 -14.05 16.76 -49.82
N ILE D 116 -13.91 15.59 -49.20
CA ILE D 116 -13.41 14.39 -49.89
C ILE D 116 -14.30 13.88 -51.04
N ALA D 117 -15.61 13.82 -50.83
CA ALA D 117 -16.50 13.33 -51.89
C ALA D 117 -16.45 14.25 -53.11
N SER D 118 -16.57 15.55 -52.88
CA SER D 118 -16.48 16.57 -53.92
C SER D 118 -15.15 16.48 -54.65
N LEU D 119 -14.09 16.23 -53.89
CA LEU D 119 -12.76 16.05 -54.49
C LEU D 119 -12.74 14.84 -55.41
N GLN D 120 -13.48 13.81 -55.03
CA GLN D 120 -13.56 12.59 -55.82
C GLN D 120 -14.26 12.85 -57.15
N THR D 121 -15.45 13.46 -57.07
CA THR D 121 -16.19 13.84 -58.27
C THR D 121 -15.36 14.77 -59.16
N ASN D 122 -14.74 15.77 -58.55
CA ASN D 122 -13.86 16.67 -59.29
C ASN D 122 -12.77 15.95 -60.05
N VAL D 123 -12.09 15.01 -59.39
CA VAL D 123 -11.04 14.24 -60.02
C VAL D 123 -11.59 13.40 -61.18
N SER D 124 -12.74 12.78 -60.95
CA SER D 124 -13.35 11.91 -61.94
C SER D 124 -13.85 12.70 -63.14
N ALA D 125 -14.06 14.00 -62.94
CA ALA D 125 -14.45 14.88 -64.03
C ALA D 125 -13.24 15.39 -64.78
N LEU D 126 -12.18 15.68 -64.05
CA LEU D 126 -10.89 15.97 -64.65
C LEU D 126 -10.40 14.80 -65.47
N ASP D 127 -10.83 13.60 -65.09
CA ASP D 127 -10.28 12.39 -65.66
C ASP D 127 -11.00 12.03 -66.95
N GLY D 128 -12.29 12.32 -67.01
CA GLY D 128 -13.02 12.20 -68.25
C GLY D 128 -12.58 13.25 -69.25
N ARG D 129 -12.45 14.48 -68.76
CA ARG D 129 -12.03 15.59 -69.60
C ARG D 129 -10.64 15.35 -70.22
N VAL D 130 -9.72 14.80 -69.43
CA VAL D 130 -8.38 14.49 -69.95
C VAL D 130 -8.44 13.33 -70.94
N THR D 131 -9.35 12.38 -70.73
CA THR D 131 -9.50 11.30 -71.70
C THR D 131 -9.94 11.86 -73.06
N THR D 132 -10.92 12.76 -73.03
CA THR D 132 -11.35 13.43 -74.25
C THR D 132 -10.19 14.17 -74.90
N ALA D 133 -9.38 14.83 -74.07
CA ALA D 133 -8.22 15.55 -74.55
C ALA D 133 -7.22 14.61 -75.24
N GLU D 134 -6.99 13.45 -74.64
CA GLU D 134 -6.12 12.43 -75.21
C GLU D 134 -6.65 11.96 -76.56
N ASN D 135 -7.96 11.78 -76.66
CA ASN D 135 -8.56 11.35 -77.92
C ASN D 135 -8.36 12.39 -79.02
N ASN D 136 -8.57 13.65 -78.68
CA ASN D 136 -8.35 14.73 -79.65
C ASN D 136 -6.89 14.82 -80.07
N ILE D 137 -5.99 14.67 -79.10
CA ILE D 137 -4.56 14.69 -79.36
C ILE D 137 -4.16 13.55 -80.29
N SER D 138 -4.67 12.35 -80.01
CA SER D 138 -4.41 11.19 -80.84
C SER D 138 -4.93 11.39 -82.26
N ALA D 139 -6.07 12.07 -82.37
CA ALA D 139 -6.63 12.38 -83.69
C ALA D 139 -5.75 13.35 -84.46
N LEU D 140 -5.21 14.34 -83.75
CA LEU D 140 -4.31 15.32 -84.36
C LEU D 140 -2.96 14.68 -84.73
N GLN D 141 -2.57 13.68 -83.97
CA GLN D 141 -1.33 12.93 -84.17
C GLN D 141 -1.47 11.96 -85.32
N ALA D 142 -2.71 11.55 -85.59
CA ALA D 142 -3.01 10.64 -86.69
C ALA D 142 -2.57 11.25 -88.01
N ASP D 143 -2.61 12.58 -88.10
CA ASP D 143 -2.17 13.30 -89.29
C ASP D 143 -0.84 14.00 -89.02
N TYR D 144 0.13 13.83 -89.92
CA TYR D 144 1.34 14.67 -89.92
C TYR D 144 2.23 14.39 -88.71
N MET E 5 -19.49 -11.09 21.20
CA MET E 5 -20.02 -9.80 20.82
C MET E 5 -20.62 -9.08 22.03
N ALA E 6 -21.94 -9.21 22.20
CA ALA E 6 -22.62 -8.62 23.35
C ALA E 6 -22.82 -9.67 24.43
N ASP E 7 -22.56 -9.29 25.68
CA ASP E 7 -22.62 -10.23 26.80
C ASP E 7 -23.95 -10.17 27.54
N PRO E 8 -24.76 -11.23 27.42
CA PRO E 8 -26.10 -11.34 28.02
C PRO E 8 -26.07 -11.44 29.55
N SER E 9 -24.91 -11.75 30.12
CA SER E 9 -24.77 -11.89 31.57
C SER E 9 -25.05 -10.58 32.31
N LEU E 10 -24.91 -9.47 31.61
CA LEU E 10 -25.21 -8.16 32.18
C LEU E 10 -26.71 -7.96 32.35
N ASN E 11 -27.50 -8.86 31.77
CA ASN E 11 -28.95 -8.80 31.89
C ASN E 11 -29.48 -9.63 33.06
N ASN E 12 -28.57 -10.24 33.81
CA ASN E 12 -28.96 -11.00 35.00
C ASN E 12 -28.72 -10.15 36.25
N PRO E 13 -29.82 -9.68 36.86
CA PRO E 13 -29.75 -8.78 38.02
C PRO E 13 -29.39 -9.52 39.31
N VAL E 14 -28.72 -8.81 40.22
CA VAL E 14 -28.48 -9.34 41.55
C VAL E 14 -29.72 -9.16 42.42
N VAL E 15 -30.18 -10.24 43.02
CA VAL E 15 -31.33 -10.16 43.91
C VAL E 15 -30.85 -10.02 45.35
N ILE E 16 -31.25 -8.94 46.00
CA ILE E 16 -30.78 -8.65 47.35
C ILE E 16 -31.64 -9.35 48.41
N GLN E 17 -31.01 -10.26 49.13
CA GLN E 17 -31.67 -11.05 50.17
C GLN E 17 -32.48 -10.25 51.17
N ALA E 18 -32.25 -8.94 51.23
CA ALA E 18 -32.65 -8.19 52.40
C ALA E 18 -34.14 -7.83 52.43
N THR E 19 -34.58 -7.51 53.63
CA THR E 19 -35.92 -7.03 53.93
C THR E 19 -35.82 -5.55 54.24
N ARG E 20 -36.87 -4.80 53.94
CA ARG E 20 -36.80 -3.36 54.10
C ARG E 20 -36.77 -3.08 55.59
N LEU E 21 -35.71 -2.38 56.00
CA LEU E 21 -35.47 -2.11 57.40
C LEU E 21 -36.69 -1.52 58.08
N ASP E 22 -36.97 -2.04 59.26
CA ASP E 22 -37.99 -1.52 60.16
C ASP E 22 -37.31 -1.08 61.43
N ALA E 23 -37.84 -0.07 62.10
CA ALA E 23 -37.24 0.39 63.34
C ALA E 23 -37.84 -0.42 64.48
N SER E 24 -38.56 -1.47 64.11
CA SER E 24 -39.14 -2.40 65.08
C SER E 24 -38.14 -3.49 65.44
N ILE E 25 -37.40 -3.95 64.44
CA ILE E 25 -36.45 -5.04 64.65
C ILE E 25 -35.15 -4.51 65.22
N LEU E 26 -34.98 -3.19 65.15
CA LEU E 26 -33.77 -2.54 65.65
C LEU E 26 -33.75 -2.53 67.18
N PRO E 27 -32.54 -2.61 67.76
CA PRO E 27 -32.37 -2.60 69.21
C PRO E 27 -32.86 -1.30 69.85
N ARG E 28 -33.66 -1.41 70.90
CA ARG E 28 -34.24 -0.25 71.58
C ARG E 28 -33.46 0.13 72.83
N ASN E 29 -33.34 1.44 73.04
CA ASN E 29 -32.50 2.05 74.08
C ASN E 29 -31.02 1.72 74.00
N VAL E 30 -30.62 1.08 72.89
CA VAL E 30 -29.23 0.73 72.67
C VAL E 30 -28.56 1.94 72.01
N PHE E 31 -29.35 2.69 71.25
CA PHE E 31 -28.83 3.82 70.49
C PHE E 31 -29.01 5.12 71.28
N SER E 32 -28.11 6.10 71.30
CA SER E 32 -27.02 6.52 70.38
C SER E 32 -27.51 6.97 69.00
N LYS E 33 -28.43 7.93 69.06
CA LYS E 33 -28.41 9.12 68.22
C LYS E 33 -28.30 8.87 66.72
N SER E 34 -27.21 9.36 66.13
CA SER E 34 -26.93 9.33 64.70
C SER E 34 -26.89 7.95 64.06
N TYR E 35 -26.44 6.96 64.82
CA TYR E 35 -26.19 5.63 64.28
C TYR E 35 -27.47 4.92 63.81
N LEU E 36 -28.60 5.21 64.44
CA LEU E 36 -29.88 4.65 63.98
C LEU E 36 -30.19 5.14 62.58
N LEU E 37 -30.08 6.46 62.41
CA LEU E 37 -30.32 7.08 61.12
C LEU E 37 -29.32 6.52 60.11
N TYR E 38 -28.11 6.23 60.59
CA TYR E 38 -27.09 5.66 59.73
C TYR E 38 -27.42 4.25 59.25
N VAL E 39 -27.88 3.37 60.14
CA VAL E 39 -28.21 2.01 59.73
C VAL E 39 -29.44 1.98 58.80
N ILE E 40 -30.49 2.72 59.13
CA ILE E 40 -31.67 2.75 58.27
C ILE E 40 -31.29 3.29 56.88
N ALA E 41 -30.59 4.43 56.86
CA ALA E 41 -30.16 5.04 55.61
C ALA E 41 -29.29 4.05 54.84
N GLN E 42 -28.45 3.30 55.54
CA GLN E 42 -27.56 2.35 54.89
C GLN E 42 -28.34 1.21 54.23
N GLY E 43 -29.42 0.76 54.87
CA GLY E 43 -30.28 -0.24 54.27
C GLY E 43 -30.87 0.27 52.97
N THR E 44 -31.50 1.44 53.06
CA THR E 44 -32.10 2.08 51.88
C THR E 44 -31.06 2.21 50.77
N ASP E 45 -29.84 2.55 51.17
CA ASP E 45 -28.73 2.77 50.25
C ASP E 45 -28.34 1.47 49.57
N VAL E 46 -28.36 0.36 50.31
CA VAL E 46 -28.07 -0.93 49.72
C VAL E 46 -29.08 -1.25 48.63
N GLY E 47 -30.36 -1.01 48.92
CA GLY E 47 -31.37 -1.18 47.89
C GLY E 47 -31.14 -0.35 46.65
N ALA E 48 -30.89 0.94 46.86
CA ALA E 48 -30.67 1.89 45.77
C ALA E 48 -29.46 1.53 44.91
N ILE E 49 -28.36 1.16 45.55
CA ILE E 49 -27.14 0.79 44.85
C ILE E 49 -27.35 -0.50 44.07
N ALA E 50 -28.16 -1.40 44.62
CA ALA E 50 -28.53 -2.61 43.87
C ALA E 50 -29.23 -2.21 42.57
N GLY E 51 -30.22 -1.33 42.69
CA GLY E 51 -30.93 -0.85 41.52
C GLY E 51 -30.02 -0.21 40.49
N LYS E 52 -29.10 0.62 40.96
CA LYS E 52 -28.16 1.33 40.09
C LYS E 52 -27.23 0.36 39.37
N ALA E 53 -26.78 -0.66 40.08
CA ALA E 53 -25.92 -1.68 39.50
C ALA E 53 -26.67 -2.39 38.38
N ASN E 54 -27.95 -2.69 38.63
CA ASN E 54 -28.77 -3.31 37.61
C ASN E 54 -28.89 -2.44 36.36
N GLU E 55 -29.19 -1.15 36.57
CA GLU E 55 -29.31 -0.23 35.43
C GLU E 55 -28.00 -0.11 34.65
N ALA E 56 -26.89 -0.06 35.36
CA ALA E 56 -25.58 0.04 34.72
C ALA E 56 -25.30 -1.18 33.86
N GLY E 57 -25.58 -2.37 34.41
CA GLY E 57 -25.41 -3.60 33.66
C GLY E 57 -26.24 -3.66 32.39
N GLN E 58 -27.53 -3.36 32.53
CA GLN E 58 -28.42 -3.38 31.36
C GLN E 58 -28.03 -2.34 30.31
N GLY E 59 -27.69 -1.13 30.76
CA GLY E 59 -27.29 -0.06 29.87
C GLY E 59 -26.03 -0.43 29.09
N ALA E 60 -25.05 -1.00 29.79
CA ALA E 60 -23.83 -1.44 29.14
C ALA E 60 -24.13 -2.52 28.13
N TYR E 61 -25.07 -3.41 28.47
CA TYR E 61 -25.52 -4.45 27.54
C TYR E 61 -26.06 -3.85 26.24
N ASP E 62 -26.97 -2.88 26.38
CA ASP E 62 -27.54 -2.21 25.23
C ASP E 62 -26.46 -1.53 24.38
N ALA E 63 -25.48 -0.93 25.06
CA ALA E 63 -24.35 -0.32 24.40
C ALA E 63 -23.58 -1.35 23.56
N GLN E 64 -23.41 -2.54 24.10
CA GLN E 64 -22.70 -3.60 23.39
C GLN E 64 -23.48 -4.07 22.17
N VAL E 65 -24.79 -4.23 22.31
CA VAL E 65 -25.63 -4.64 21.18
C VAL E 65 -25.58 -3.61 20.06
N LYS E 66 -25.66 -2.33 20.44
CA LYS E 66 -25.56 -1.27 19.44
C LYS E 66 -24.19 -1.29 18.78
N ASN E 67 -23.15 -1.60 19.55
CA ASN E 67 -21.82 -1.73 18.98
C ASN E 67 -21.81 -2.82 17.92
N ASP E 68 -22.55 -3.89 18.17
CA ASP E 68 -22.67 -4.98 17.21
C ASP E 68 -23.33 -4.52 15.91
N GLU E 69 -24.49 -3.88 16.03
CA GLU E 69 -25.20 -3.40 14.85
C GLU E 69 -24.37 -2.41 14.03
N GLN E 70 -23.73 -1.48 14.74
CA GLN E 70 -22.89 -0.48 14.10
C GLN E 70 -21.66 -1.12 13.45
N ASP E 71 -21.23 -2.25 14.00
CA ASP E 71 -20.12 -2.99 13.40
C ASP E 71 -20.56 -3.64 12.09
N VAL E 72 -21.78 -4.18 12.07
CA VAL E 72 -22.30 -4.74 10.84
C VAL E 72 -22.38 -3.66 9.76
N GLU E 73 -22.92 -2.50 10.14
CA GLU E 73 -23.03 -1.39 9.19
C GLU E 73 -21.65 -0.89 8.74
N LEU E 74 -20.68 -0.93 9.65
CA LEU E 74 -19.31 -0.52 9.35
C LEU E 74 -18.66 -1.47 8.34
N ALA E 75 -18.89 -2.77 8.51
CA ALA E 75 -18.37 -3.76 7.57
C ALA E 75 -19.00 -3.56 6.20
N ASP E 76 -20.31 -3.33 6.17
CA ASP E 76 -21.00 -3.05 4.92
C ASP E 76 -20.37 -1.85 4.21
N HIS E 77 -20.19 -0.78 4.97
CA HIS E 77 -19.57 0.44 4.44
C HIS E 77 -18.17 0.15 3.91
N GLU E 78 -17.41 -0.67 4.63
CA GLU E 78 -16.06 -1.06 4.21
C GLU E 78 -16.08 -1.71 2.82
N ALA E 79 -16.91 -2.75 2.68
CA ALA E 79 -17.01 -3.46 1.41
C ALA E 79 -17.42 -2.53 0.27
N ARG E 80 -18.47 -1.75 0.52
CA ARG E 80 -19.00 -0.83 -0.49
C ARG E 80 -17.92 0.16 -0.92
N ILE E 81 -17.18 0.71 0.06
CA ILE E 81 -16.12 1.66 -0.22
C ILE E 81 -15.03 1.05 -1.08
N LYS E 82 -14.61 -0.18 -0.74
CA LYS E 82 -13.58 -0.84 -1.53
C LYS E 82 -14.05 -1.05 -2.97
N GLN E 83 -15.33 -1.41 -3.13
CA GLN E 83 -15.92 -1.57 -4.46
C GLN E 83 -15.83 -0.26 -5.23
N LEU E 84 -16.17 0.84 -4.57
CA LEU E 84 -16.08 2.17 -5.18
C LEU E 84 -14.64 2.52 -5.56
N ARG E 85 -13.68 2.06 -4.76
CA ARG E 85 -12.28 2.29 -5.08
C ARG E 85 -11.86 1.57 -6.35
N ILE E 86 -12.22 0.30 -6.45
CA ILE E 86 -11.89 -0.48 -7.64
C ILE E 86 -12.52 0.16 -8.89
N ASP E 87 -13.81 0.51 -8.78
CA ASP E 87 -14.52 1.12 -9.87
C ASP E 87 -13.91 2.46 -10.31
N VAL E 88 -13.58 3.31 -9.34
CA VAL E 88 -13.00 4.61 -9.63
C VAL E 88 -11.61 4.50 -10.27
N ASP E 89 -10.82 3.54 -9.81
CA ASP E 89 -9.49 3.33 -10.39
C ASP E 89 -9.62 2.87 -11.85
N ASP E 90 -10.53 1.93 -12.08
CA ASP E 90 -10.79 1.45 -13.43
C ASP E 90 -11.21 2.63 -14.33
N HIS E 91 -12.09 3.47 -13.80
CA HIS E 91 -12.52 4.67 -14.50
C HIS E 91 -11.36 5.59 -14.84
N GLU E 92 -10.41 5.74 -13.91
CA GLU E 92 -9.22 6.53 -14.16
C GLU E 92 -8.47 5.99 -15.39
N SER E 93 -8.21 4.69 -15.37
CA SER E 93 -7.51 4.05 -16.49
C SER E 93 -8.20 4.29 -17.82
N ARG E 94 -9.50 3.99 -17.87
CA ARG E 94 -10.25 4.10 -19.13
C ARG E 94 -10.40 5.56 -19.58
N ILE E 95 -10.48 6.49 -18.64
CA ILE E 95 -10.49 7.91 -18.96
C ILE E 95 -9.19 8.36 -19.62
N THR E 96 -8.06 8.01 -19.02
CA THR E 96 -6.78 8.36 -19.60
C THR E 96 -6.65 7.79 -21.01
N ALA E 97 -6.99 6.50 -21.14
CA ALA E 97 -6.94 5.83 -22.43
C ALA E 97 -7.80 6.54 -23.49
N ASN E 98 -9.02 6.92 -23.10
CA ASN E 98 -9.94 7.58 -24.03
C ASN E 98 -9.45 8.96 -24.44
N THR E 99 -8.87 9.69 -23.48
CA THR E 99 -8.34 11.02 -23.76
C THR E 99 -7.17 10.93 -24.75
N LYS E 100 -6.28 9.98 -24.51
CA LYS E 100 -5.13 9.79 -25.40
C LYS E 100 -5.59 9.37 -26.80
N ALA E 101 -6.62 8.52 -26.85
CA ALA E 101 -7.18 8.08 -28.13
C ALA E 101 -7.76 9.27 -28.88
N ILE E 102 -8.39 10.18 -28.14
CA ILE E 102 -8.96 11.38 -28.72
C ILE E 102 -7.88 12.27 -29.29
N THR E 103 -6.78 12.43 -28.54
CA THR E 103 -5.65 13.23 -29.02
C THR E 103 -5.06 12.67 -30.32
N ALA E 104 -4.80 11.36 -30.32
CA ALA E 104 -4.26 10.68 -31.50
C ALA E 104 -5.18 10.84 -32.70
N LEU E 105 -6.48 10.67 -32.46
CA LEU E 105 -7.46 10.82 -33.52
C LEU E 105 -7.44 12.26 -34.05
N ASN E 106 -7.24 13.21 -33.14
CA ASN E 106 -7.20 14.62 -33.53
C ASN E 106 -6.01 14.97 -34.41
N VAL E 107 -4.81 14.51 -34.04
CA VAL E 107 -3.64 14.78 -34.87
C VAL E 107 -3.74 14.05 -36.22
N ARG E 108 -4.31 12.85 -36.20
CA ARG E 108 -4.50 12.09 -37.43
C ARG E 108 -5.43 12.84 -38.38
N VAL E 109 -6.52 13.36 -37.81
CA VAL E 109 -7.47 14.15 -38.58
C VAL E 109 -6.85 15.44 -39.11
N THR E 110 -5.98 16.05 -38.30
CA THR E 110 -5.28 17.27 -38.73
C THR E 110 -4.43 16.98 -39.96
N THR E 111 -3.69 15.88 -39.91
CA THR E 111 -2.87 15.48 -41.06
C THR E 111 -3.76 15.21 -42.27
N ALA E 112 -4.92 14.59 -42.02
CA ALA E 112 -5.88 14.31 -43.08
C ALA E 112 -6.34 15.60 -43.76
N GLU E 113 -6.59 16.63 -42.95
CA GLU E 113 -7.02 17.93 -43.46
C GLU E 113 -5.91 18.58 -44.27
N GLY E 114 -4.67 18.43 -43.81
CA GLY E 114 -3.52 18.95 -44.55
C GLY E 114 -3.43 18.31 -45.93
N GLU E 115 -3.67 17.00 -45.97
CA GLU E 115 -3.62 16.27 -47.22
C GLU E 115 -4.78 16.66 -48.13
N ILE E 116 -5.94 16.93 -47.54
CA ILE E 116 -7.10 17.39 -48.28
C ILE E 116 -6.80 18.75 -48.93
N ALA E 117 -6.16 19.63 -48.17
CA ALA E 117 -5.79 20.95 -48.69
C ALA E 117 -4.82 20.85 -49.85
N SER E 118 -3.77 20.04 -49.67
CA SER E 118 -2.81 19.83 -50.74
C SER E 118 -3.48 19.26 -51.98
N LEU E 119 -4.39 18.31 -51.77
CA LEU E 119 -5.13 17.71 -52.88
C LEU E 119 -6.04 18.67 -53.63
N GLN E 120 -6.75 19.54 -52.90
CA GLN E 120 -7.62 20.51 -53.56
C GLN E 120 -6.79 21.51 -54.36
N THR E 121 -5.69 21.98 -53.77
CA THR E 121 -4.82 22.91 -54.48
C THR E 121 -4.26 22.28 -55.76
N ASN E 122 -3.78 21.04 -55.65
CA ASN E 122 -3.25 20.32 -56.81
C ASN E 122 -4.30 20.07 -57.87
N VAL E 123 -5.52 19.76 -57.46
CA VAL E 123 -6.61 19.49 -58.40
C VAL E 123 -7.01 20.78 -59.12
N SER E 124 -6.91 21.90 -58.42
CA SER E 124 -7.21 23.20 -59.03
C SER E 124 -6.16 23.53 -60.09
N ALA E 125 -4.89 23.33 -59.73
CA ALA E 125 -3.79 23.54 -60.67
C ALA E 125 -3.95 22.66 -61.92
N LEU E 126 -4.28 21.39 -61.69
CA LEU E 126 -4.51 20.44 -62.76
C LEU E 126 -5.67 20.87 -63.65
N ASP E 127 -6.69 21.48 -63.03
CA ASP E 127 -7.84 21.98 -63.75
C ASP E 127 -7.41 23.10 -64.68
N GLY E 128 -6.62 24.03 -64.16
CA GLY E 128 -6.12 25.12 -64.99
C GLY E 128 -5.28 24.64 -66.16
N ARG E 129 -4.32 23.75 -65.89
CA ARG E 129 -3.46 23.24 -66.95
C ARG E 129 -4.26 22.48 -68.00
N VAL E 130 -5.24 21.70 -67.55
CA VAL E 130 -6.05 20.93 -68.49
C VAL E 130 -6.95 21.84 -69.34
N THR E 131 -7.50 22.92 -68.77
CA THR E 131 -8.27 23.88 -69.58
C THR E 131 -7.40 24.56 -70.61
N THR E 132 -6.23 25.01 -70.18
CA THR E 132 -5.28 25.65 -71.09
C THR E 132 -4.92 24.71 -72.23
N ALA E 133 -4.71 23.44 -71.89
CA ALA E 133 -4.42 22.41 -72.88
C ALA E 133 -5.58 22.27 -73.86
N GLU E 134 -6.80 22.30 -73.35
CA GLU E 134 -8.00 22.25 -74.19
C GLU E 134 -8.06 23.44 -75.15
N ASN E 135 -7.68 24.61 -74.65
CA ASN E 135 -7.67 25.82 -75.47
C ASN E 135 -6.65 25.69 -76.60
N ASN E 136 -5.48 25.14 -76.27
CA ASN E 136 -4.46 24.89 -77.28
C ASN E 136 -4.96 23.89 -78.32
N ILE E 137 -5.65 22.85 -77.85
CA ILE E 137 -6.22 21.85 -78.73
C ILE E 137 -7.24 22.47 -79.69
N SER E 138 -8.13 23.29 -79.14
CA SER E 138 -9.15 23.98 -79.92
C SER E 138 -8.52 24.92 -80.95
N ALA E 139 -7.42 25.56 -80.56
CA ALA E 139 -6.71 26.45 -81.47
C ALA E 139 -6.07 25.66 -82.62
N LEU E 140 -5.53 24.51 -82.29
CA LEU E 140 -4.92 23.64 -83.30
C LEU E 140 -5.96 23.02 -84.22
N GLN E 141 -7.15 22.78 -83.69
CA GLN E 141 -8.23 22.18 -84.47
C GLN E 141 -8.95 23.17 -85.36
N ALA E 142 -9.12 24.40 -84.88
CA ALA E 142 -9.78 25.44 -85.65
C ALA E 142 -8.97 25.96 -86.85
N ASP E 143 -7.67 26.12 -86.66
CA ASP E 143 -6.81 26.62 -87.72
C ASP E 143 -5.92 25.58 -88.40
N TYR E 144 -6.01 24.32 -87.97
CA TYR E 144 -5.27 23.23 -88.61
C TYR E 144 -3.76 23.33 -88.33
N MET F 5 -30.85 4.99 25.13
CA MET F 5 -30.35 5.17 23.77
C MET F 5 -30.36 6.63 23.27
N ALA F 6 -29.73 7.57 23.97
CA ALA F 6 -28.98 7.35 25.21
C ALA F 6 -29.88 7.66 26.39
N ASP F 7 -29.81 6.82 27.42
CA ASP F 7 -30.70 6.94 28.56
C ASP F 7 -30.09 7.77 29.67
N PRO F 8 -30.65 8.98 29.90
CA PRO F 8 -30.15 9.97 30.87
C PRO F 8 -30.28 9.54 32.32
N SER F 9 -31.09 8.52 32.60
CA SER F 9 -31.24 8.04 33.98
C SER F 9 -29.92 7.48 34.50
N LEU F 10 -29.08 7.01 33.57
CA LEU F 10 -27.75 6.52 33.92
C LEU F 10 -26.81 7.66 34.28
N ASN F 11 -27.20 8.88 33.93
CA ASN F 11 -26.41 10.05 34.24
C ASN F 11 -26.88 10.67 35.56
N ASN F 12 -27.88 10.04 36.16
CA ASN F 12 -28.36 10.45 37.46
C ASN F 12 -27.79 9.51 38.51
N PRO F 13 -26.81 9.99 39.29
CA PRO F 13 -26.14 9.15 40.28
C PRO F 13 -27.02 8.92 41.50
N VAL F 14 -26.84 7.78 42.16
CA VAL F 14 -27.51 7.55 43.43
C VAL F 14 -26.75 8.30 44.52
N VAL F 15 -27.47 9.11 45.27
CA VAL F 15 -26.85 9.85 46.37
C VAL F 15 -27.02 9.02 47.64
N ILE F 16 -25.90 8.68 48.25
CA ILE F 16 -25.85 7.74 49.37
C ILE F 16 -26.12 8.26 50.78
N GLN F 17 -25.82 9.53 51.03
CA GLN F 17 -25.88 10.07 52.39
C GLN F 17 -27.14 9.68 53.16
N ALA F 18 -26.95 9.27 54.42
CA ALA F 18 -25.64 9.36 55.07
C ALA F 18 -24.79 8.08 55.09
N THR F 19 -23.69 8.08 54.35
CA THR F 19 -22.57 7.22 54.73
C THR F 19 -21.41 8.11 55.18
N ARG F 20 -21.20 8.14 56.49
CA ARG F 20 -20.15 8.93 57.13
C ARG F 20 -19.50 7.98 58.12
N LEU F 21 -20.31 7.62 59.13
CA LEU F 21 -19.96 6.70 60.20
C LEU F 21 -18.60 6.87 60.88
N ASP F 22 -18.48 7.88 61.72
CA ASP F 22 -17.34 7.92 62.64
C ASP F 22 -17.61 6.89 63.73
N ALA F 23 -16.55 6.35 64.32
CA ALA F 23 -16.70 5.33 65.35
C ALA F 23 -16.88 5.98 66.73
N SER F 24 -17.17 7.27 66.72
CA SER F 24 -17.43 8.03 67.93
C SER F 24 -18.89 7.86 68.32
N ILE F 25 -19.75 7.83 67.30
CA ILE F 25 -21.19 7.76 67.48
C ILE F 25 -21.69 6.34 67.77
N LEU F 26 -20.80 5.37 67.57
CA LEU F 26 -21.14 3.95 67.74
C LEU F 26 -21.33 3.51 69.19
N PRO F 27 -22.22 2.52 69.41
CA PRO F 27 -22.40 1.97 70.75
C PRO F 27 -21.10 1.36 71.21
N ARG F 28 -20.61 1.80 72.36
CA ARG F 28 -19.30 1.38 72.84
C ARG F 28 -19.29 0.00 73.49
N ASN F 29 -19.77 -0.06 74.73
CA ASN F 29 -19.72 -1.26 75.56
C ASN F 29 -20.61 -2.43 75.12
N VAL F 30 -21.42 -2.23 74.08
CA VAL F 30 -22.41 -3.24 73.71
C VAL F 30 -21.90 -4.39 72.84
N PHE F 31 -20.95 -4.14 71.95
CA PHE F 31 -20.51 -5.22 71.06
C PHE F 31 -19.01 -5.37 70.82
N SER F 32 -18.62 -6.63 70.63
CA SER F 32 -17.26 -7.10 70.39
C SER F 32 -16.46 -6.35 69.31
N LYS F 33 -15.15 -6.26 69.54
CA LYS F 33 -14.18 -5.66 68.63
C LYS F 33 -14.42 -6.00 67.16
N SER F 34 -14.48 -7.30 66.87
CA SER F 34 -14.63 -7.78 65.51
C SER F 34 -15.86 -7.18 64.81
N TYR F 35 -16.94 -7.04 65.56
CA TYR F 35 -18.16 -6.48 64.98
C TYR F 35 -17.99 -4.99 64.70
N LEU F 36 -17.23 -4.30 65.55
CA LEU F 36 -16.94 -2.88 65.34
C LEU F 36 -16.16 -2.70 64.05
N LEU F 37 -15.07 -3.46 63.92
CA LEU F 37 -14.23 -3.39 62.74
C LEU F 37 -15.04 -3.77 61.50
N TYR F 38 -15.97 -4.71 61.68
CA TYR F 38 -16.84 -5.14 60.59
C TYR F 38 -17.79 -4.05 60.13
N VAL F 39 -18.41 -3.34 61.07
CA VAL F 39 -19.34 -2.27 60.71
C VAL F 39 -18.58 -1.12 60.03
N ILE F 40 -17.40 -0.77 60.56
CA ILE F 40 -16.60 0.28 59.90
C ILE F 40 -16.23 -0.09 58.46
N ALA F 41 -15.60 -1.27 58.32
CA ALA F 41 -15.16 -1.74 57.01
C ALA F 41 -16.32 -1.89 56.03
N GLN F 42 -17.45 -2.42 56.51
CA GLN F 42 -18.61 -2.63 55.66
C GLN F 42 -19.22 -1.30 55.23
N GLY F 43 -19.18 -0.32 56.13
CA GLY F 43 -19.63 1.03 55.79
C GLY F 43 -18.81 1.53 54.62
N THR F 44 -17.49 1.45 54.78
CA THR F 44 -16.59 1.84 53.70
C THR F 44 -16.93 1.12 52.40
N ASP F 45 -17.25 -0.17 52.52
CA ASP F 45 -17.55 -1.00 51.36
C ASP F 45 -18.83 -0.56 50.66
N VAL F 46 -19.83 -0.15 51.44
CA VAL F 46 -21.06 0.39 50.89
C VAL F 46 -20.73 1.65 50.09
N GLY F 47 -19.87 2.50 50.66
CA GLY F 47 -19.40 3.66 49.93
C GLY F 47 -18.76 3.30 48.60
N ALA F 48 -17.86 2.32 48.64
CA ALA F 48 -17.12 1.89 47.45
C ALA F 48 -18.03 1.32 46.36
N ILE F 49 -18.97 0.45 46.75
CA ILE F 49 -19.87 -0.15 45.77
C ILE F 49 -20.81 0.91 45.19
N ALA F 50 -21.15 1.90 46.02
CA ALA F 50 -21.92 3.04 45.53
C ALA F 50 -21.16 3.76 44.42
N GLY F 51 -19.91 4.10 44.72
CA GLY F 51 -19.05 4.76 43.76
C GLY F 51 -18.91 4.00 42.47
N LYS F 52 -18.67 2.70 42.58
CA LYS F 52 -18.48 1.86 41.40
C LYS F 52 -19.75 1.73 40.57
N ALA F 53 -20.90 1.61 41.24
CA ALA F 53 -22.17 1.52 40.53
C ALA F 53 -22.45 2.80 39.76
N ASN F 54 -22.19 3.94 40.40
CA ASN F 54 -22.34 5.24 39.75
C ASN F 54 -21.41 5.35 38.55
N GLU F 55 -20.16 4.95 38.74
CA GLU F 55 -19.16 5.01 37.69
C GLU F 55 -19.55 4.16 36.49
N ALA F 56 -20.05 2.95 36.76
CA ALA F 56 -20.52 2.05 35.71
C ALA F 56 -21.68 2.64 34.94
N GLY F 57 -22.64 3.21 35.67
CA GLY F 57 -23.78 3.87 35.05
C GLY F 57 -23.35 5.00 34.12
N GLN F 58 -22.46 5.85 34.62
CA GLN F 58 -21.95 6.98 33.85
C GLN F 58 -21.21 6.52 32.59
N GLY F 59 -20.37 5.51 32.75
CA GLY F 59 -19.62 4.95 31.64
C GLY F 59 -20.53 4.40 30.55
N ALA F 60 -21.52 3.64 30.98
CA ALA F 60 -22.49 3.07 30.05
C ALA F 60 -23.25 4.18 29.32
N TYR F 61 -23.59 5.23 30.06
CA TYR F 61 -24.26 6.39 29.48
C TYR F 61 -23.41 7.01 28.37
N ASP F 62 -22.14 7.25 28.68
CA ASP F 62 -21.20 7.82 27.71
C ASP F 62 -21.11 6.93 26.47
N ALA F 63 -21.08 5.61 26.70
CA ALA F 63 -21.07 4.65 25.61
C ALA F 63 -22.29 4.80 24.72
N GLN F 64 -23.45 5.02 25.32
CA GLN F 64 -24.69 5.18 24.58
C GLN F 64 -24.73 6.47 23.76
N VAL F 65 -24.28 7.56 24.36
CA VAL F 65 -24.24 8.84 23.65
C VAL F 65 -23.29 8.73 22.47
N LYS F 66 -22.17 8.06 22.71
CA LYS F 66 -21.20 7.81 21.65
C LYS F 66 -21.81 6.98 20.54
N ASN F 67 -22.64 6.01 20.92
CA ASN F 67 -23.36 5.20 19.95
C ASN F 67 -24.29 6.04 19.08
N ASP F 68 -24.94 7.02 19.69
CA ASP F 68 -25.83 7.93 18.95
C ASP F 68 -25.04 8.78 17.94
N GLU F 69 -23.97 9.39 18.40
CA GLU F 69 -23.13 10.22 17.52
C GLU F 69 -22.58 9.39 16.36
N GLN F 70 -22.15 8.18 16.68
CA GLN F 70 -21.65 7.27 15.67
C GLN F 70 -22.77 6.86 14.73
N ASP F 71 -24.00 6.88 15.22
CA ASP F 71 -25.16 6.56 14.37
C ASP F 71 -25.47 7.66 13.35
N VAL F 72 -25.45 8.92 13.78
CA VAL F 72 -25.67 10.00 12.82
C VAL F 72 -24.53 10.00 11.80
N GLU F 73 -23.30 9.82 12.27
CA GLU F 73 -22.17 9.81 11.35
C GLU F 73 -22.28 8.63 10.36
N LEU F 74 -22.80 7.50 10.84
CA LEU F 74 -23.01 6.34 9.97
C LEU F 74 -24.07 6.59 8.90
N ALA F 75 -25.16 7.25 9.28
CA ALA F 75 -26.18 7.60 8.31
C ALA F 75 -25.63 8.54 7.24
N ASP F 76 -24.84 9.52 7.69
CA ASP F 76 -24.16 10.44 6.79
C ASP F 76 -23.29 9.67 5.79
N HIS F 77 -22.50 8.74 6.32
CA HIS F 77 -21.65 7.90 5.48
C HIS F 77 -22.48 7.10 4.46
N GLU F 78 -23.62 6.59 4.90
CA GLU F 78 -24.52 5.87 3.99
C GLU F 78 -24.92 6.73 2.81
N ALA F 79 -25.44 7.92 3.11
CA ALA F 79 -25.88 8.84 2.07
C ALA F 79 -24.74 9.18 1.10
N ARG F 80 -23.58 9.53 1.67
CA ARG F 80 -22.44 9.87 0.83
C ARG F 80 -21.98 8.72 -0.07
N ILE F 81 -21.92 7.52 0.49
CA ILE F 81 -21.51 6.34 -0.27
C ILE F 81 -22.47 6.06 -1.42
N LYS F 82 -23.77 6.08 -1.16
CA LYS F 82 -24.74 5.83 -2.23
C LYS F 82 -24.69 6.92 -3.31
N GLN F 83 -24.54 8.18 -2.91
CA GLN F 83 -24.43 9.26 -3.88
C GLN F 83 -23.21 9.08 -4.78
N LEU F 84 -22.08 8.74 -4.17
CA LEU F 84 -20.87 8.47 -4.93
C LEU F 84 -21.09 7.28 -5.86
N ARG F 85 -21.91 6.34 -5.40
CA ARG F 85 -22.22 5.15 -6.18
C ARG F 85 -22.98 5.51 -7.46
N ILE F 86 -24.04 6.31 -7.32
CA ILE F 86 -24.83 6.73 -8.48
C ILE F 86 -23.93 7.53 -9.44
N ASP F 87 -23.09 8.41 -8.90
CA ASP F 87 -22.20 9.19 -9.75
C ASP F 87 -21.28 8.28 -10.56
N VAL F 88 -20.74 7.26 -9.89
CA VAL F 88 -19.84 6.31 -10.54
C VAL F 88 -20.54 5.48 -11.61
N ASP F 89 -21.78 5.09 -11.36
CA ASP F 89 -22.55 4.32 -12.36
C ASP F 89 -22.85 5.15 -13.61
N ASP F 90 -23.29 6.39 -13.40
CA ASP F 90 -23.55 7.30 -14.52
C ASP F 90 -22.26 7.46 -15.32
N HIS F 91 -21.16 7.65 -14.60
CA HIS F 91 -19.86 7.74 -15.22
C HIS F 91 -19.55 6.51 -16.06
N GLU F 92 -19.89 5.33 -15.56
CA GLU F 92 -19.71 4.09 -16.31
C GLU F 92 -20.45 4.12 -17.65
N SER F 93 -21.73 4.46 -17.61
CA SER F 93 -22.53 4.56 -18.84
C SER F 93 -21.84 5.49 -19.85
N ARG F 94 -21.47 6.67 -19.37
CA ARG F 94 -20.89 7.70 -20.22
C ARG F 94 -19.52 7.29 -20.78
N ILE F 95 -18.77 6.53 -19.98
CA ILE F 95 -17.48 5.99 -20.39
C ILE F 95 -17.64 5.02 -21.55
N THR F 96 -18.57 4.08 -21.39
CA THR F 96 -18.85 3.11 -22.45
C THR F 96 -19.25 3.82 -23.74
N ALA F 97 -20.17 4.77 -23.61
CA ALA F 97 -20.64 5.54 -24.76
C ALA F 97 -19.48 6.24 -25.47
N ASN F 98 -18.60 6.87 -24.70
CA ASN F 98 -17.48 7.59 -25.29
C ASN F 98 -16.47 6.67 -25.97
N THR F 99 -16.23 5.50 -25.38
CA THR F 99 -15.31 4.54 -25.96
C THR F 99 -15.83 4.01 -27.30
N LYS F 100 -17.11 3.66 -27.33
CA LYS F 100 -17.72 3.17 -28.58
C LYS F 100 -17.73 4.26 -29.65
N ALA F 101 -17.98 5.49 -29.22
CA ALA F 101 -17.97 6.63 -30.13
C ALA F 101 -16.55 6.78 -30.72
N ILE F 102 -15.55 6.56 -29.89
CA ILE F 102 -14.16 6.63 -30.31
C ILE F 102 -13.85 5.56 -31.35
N THR F 103 -14.31 4.33 -31.12
CA THR F 103 -14.08 3.26 -32.09
C THR F 103 -14.73 3.56 -33.44
N ALA F 104 -16.00 3.95 -33.42
CA ALA F 104 -16.71 4.27 -34.66
C ALA F 104 -16.04 5.43 -35.42
N LEU F 105 -15.66 6.46 -34.67
CA LEU F 105 -15.00 7.61 -35.24
C LEU F 105 -13.67 7.19 -35.87
N ASN F 106 -13.00 6.26 -35.20
CA ASN F 106 -11.71 5.75 -35.67
C ASN F 106 -11.81 4.99 -36.98
N VAL F 107 -12.79 4.09 -37.09
CA VAL F 107 -12.94 3.35 -38.34
C VAL F 107 -13.37 4.29 -39.49
N ARG F 108 -14.22 5.27 -39.18
CA ARG F 108 -14.62 6.21 -40.22
C ARG F 108 -13.42 7.04 -40.71
N VAL F 109 -12.61 7.53 -39.77
CA VAL F 109 -11.43 8.29 -40.14
C VAL F 109 -10.44 7.41 -40.93
N THR F 110 -10.39 6.13 -40.59
CA THR F 110 -9.53 5.19 -41.32
C THR F 110 -9.97 5.07 -42.77
N THR F 111 -11.27 4.92 -43.00
CA THR F 111 -11.78 4.85 -44.36
C THR F 111 -11.52 6.14 -45.12
N ALA F 112 -11.67 7.27 -44.41
CA ALA F 112 -11.43 8.57 -44.99
C ALA F 112 -9.98 8.70 -45.45
N GLU F 113 -9.05 8.22 -44.64
CA GLU F 113 -7.63 8.25 -44.97
C GLU F 113 -7.34 7.36 -46.17
N GLY F 114 -7.99 6.20 -46.23
CA GLY F 114 -7.83 5.31 -47.37
C GLY F 114 -8.27 5.98 -48.67
N GLU F 115 -9.39 6.69 -48.60
CA GLU F 115 -9.93 7.38 -49.76
C GLU F 115 -9.04 8.56 -50.16
N ILE F 116 -8.46 9.22 -49.16
CA ILE F 116 -7.52 10.31 -49.43
C ILE F 116 -6.31 9.77 -50.17
N ALA F 117 -5.83 8.61 -49.74
CA ALA F 117 -4.69 7.97 -50.39
C ALA F 117 -5.00 7.64 -51.84
N SER F 118 -6.16 7.02 -52.06
CA SER F 118 -6.59 6.70 -53.42
C SER F 118 -6.69 7.95 -54.29
N LEU F 119 -7.22 9.02 -53.71
CA LEU F 119 -7.34 10.30 -54.42
C LEU F 119 -5.97 10.84 -54.80
N GLN F 120 -5.00 10.64 -53.93
CA GLN F 120 -3.66 11.13 -54.16
C GLN F 120 -2.95 10.34 -55.27
N THR F 121 -3.07 9.02 -55.20
CA THR F 121 -2.57 8.15 -56.27
C THR F 121 -3.20 8.51 -57.61
N ASN F 122 -4.52 8.68 -57.60
CA ASN F 122 -5.25 9.06 -58.81
C ASN F 122 -4.79 10.40 -59.36
N VAL F 123 -4.50 11.34 -58.46
CA VAL F 123 -4.01 12.66 -58.86
C VAL F 123 -2.62 12.56 -59.47
N SER F 124 -1.78 11.70 -58.89
CA SER F 124 -0.53 11.31 -59.53
C SER F 124 -0.77 10.85 -60.96
N ALA F 125 -1.64 9.85 -61.12
CA ALA F 125 -1.95 9.31 -62.43
C ALA F 125 -2.33 10.44 -63.38
N LEU F 126 -3.12 11.38 -62.90
CA LEU F 126 -3.80 12.33 -63.76
C LEU F 126 -2.88 13.49 -64.10
N ASP F 127 -1.88 13.70 -63.25
CA ASP F 127 -0.95 14.81 -63.43
C ASP F 127 0.18 14.40 -64.36
N GLY F 128 0.48 13.11 -64.40
CA GLY F 128 1.36 12.59 -65.43
C GLY F 128 0.74 12.57 -66.80
N ARG F 129 -0.49 12.07 -66.89
CA ARG F 129 -1.20 12.01 -68.15
C ARG F 129 -1.37 13.41 -68.75
N VAL F 130 -1.62 14.39 -67.89
CA VAL F 130 -1.79 15.78 -68.32
C VAL F 130 -0.46 16.36 -68.78
N THR F 131 0.64 16.00 -68.11
CA THR F 131 1.96 16.45 -68.51
C THR F 131 2.32 15.89 -69.89
N THR F 132 2.08 14.60 -70.07
CA THR F 132 2.30 13.94 -71.36
C THR F 132 1.49 14.63 -72.45
N ALA F 133 0.24 14.97 -72.10
CA ALA F 133 -0.63 15.69 -73.01
C ALA F 133 -0.02 17.04 -73.39
N GLU F 134 0.55 17.73 -72.40
CA GLU F 134 1.22 19.00 -72.64
C GLU F 134 2.40 18.86 -73.60
N ASN F 135 3.20 17.82 -73.41
CA ASN F 135 4.34 17.57 -74.29
C ASN F 135 3.92 17.27 -75.72
N ASN F 136 2.90 16.43 -75.86
CA ASN F 136 2.38 16.08 -77.18
C ASN F 136 1.78 17.31 -77.86
N ILE F 137 1.09 18.14 -77.08
CA ILE F 137 0.54 19.39 -77.59
C ILE F 137 1.67 20.27 -78.08
N SER F 138 2.75 20.36 -77.31
CA SER F 138 3.91 21.16 -77.70
C SER F 138 4.53 20.67 -79.02
N ALA F 139 4.59 19.36 -79.19
CA ALA F 139 5.11 18.76 -80.40
C ALA F 139 4.21 19.12 -81.57
N LEU F 140 2.91 19.11 -81.30
CA LEU F 140 1.89 19.50 -82.27
C LEU F 140 1.96 20.99 -82.60
N GLN F 141 2.44 21.78 -81.64
CA GLN F 141 2.57 23.22 -81.82
C GLN F 141 3.80 23.50 -82.67
N ALA F 142 4.78 22.61 -82.62
CA ALA F 142 5.96 22.75 -83.46
C ALA F 142 5.55 22.68 -84.93
N ASP F 143 4.60 21.81 -85.24
CA ASP F 143 4.04 21.72 -86.59
C ASP F 143 2.60 22.21 -86.58
N TYR F 144 2.41 23.45 -87.01
CA TYR F 144 1.18 24.19 -86.76
C TYR F 144 -0.06 23.53 -87.35
CA CA G . 12.60 -4.54 -19.03
CA CA H . -20.49 2.20 19.02
CL CL I . -25.13 -14.78 67.53
#